data_1HDG
#
_entry.id   1HDG
#
_cell.length_a   95.700
_cell.length_b   95.700
_cell.length_c   296.280
_cell.angle_alpha   90.00
_cell.angle_beta   90.00
_cell.angle_gamma   120.00
#
_symmetry.space_group_name_H-M   'P 61 2 2'
#
loop_
_entity.id
_entity.type
_entity.pdbx_description
1 polymer 'HOLO-D-GLYCERALDEHYDE-3-PHOSPHATE DEHYDROGENASE'
2 non-polymer 'SULFATE ION'
3 non-polymer NICOTINAMIDE-ADENINE-DINUCLEOTIDE
4 water water
#
_entity_poly.entity_id   1
_entity_poly.type   'polypeptide(L)'
_entity_poly.pdbx_seq_one_letter_code
;ARVAINGFGRIGRLVYRIIYERKNPDIEVVAINDLTDTKTLAHLLKYDSVHKKFPGKVEYTENSLIVDGKEIKVFAEPDP
SKLPWKDLGVDFVIESTGVFRNREKAELHLQAGAKKVIITAPAKGEDITVVIGCNEDQLKPEHTIISCASCTTNSIAPIV
KVLHEKFGIVSGMLTTVHSYTNDQRVLDLPHKDLRRARAAAVNIIPTTTGAAKAVALVVPEVKGKLDGMAIRVPTPDGSI
TDLTVLVEKETTVEEVNAVMKEATEGRLKGIIGYNDEPIVSSDIIGTTFSGIFDATITNVIGGKLVKVASWYDNEYGYSN
RVVDTLELLLKM
;
_entity_poly.pdbx_strand_id   O,Q
#
# COMPACT_ATOMS: atom_id res chain seq x y z
N ALA A 1 -16.61 14.91 -24.58
CA ALA A 1 -16.48 13.73 -25.49
C ALA A 1 -16.94 12.53 -24.70
N ARG A 2 -17.65 11.63 -25.35
CA ARG A 2 -18.14 10.45 -24.68
C ARG A 2 -17.14 9.32 -24.87
N VAL A 3 -16.80 8.70 -23.76
CA VAL A 3 -15.81 7.63 -23.74
C VAL A 3 -16.40 6.35 -23.18
N ALA A 4 -15.88 5.23 -23.66
CA ALA A 4 -16.24 3.89 -23.20
C ALA A 4 -14.93 3.14 -22.90
N ILE A 5 -14.94 2.30 -21.88
CA ILE A 5 -13.75 1.52 -21.53
C ILE A 5 -14.04 0.04 -21.80
N ASN A 6 -13.25 -0.57 -22.66
CA ASN A 6 -13.46 -1.97 -22.96
C ASN A 6 -12.41 -2.76 -22.20
N GLY A 7 -12.84 -3.44 -21.15
CA GLY A 7 -11.93 -4.23 -20.33
C GLY A 7 -11.66 -3.45 -19.06
N PHE A 8 -12.49 -3.66 -18.05
CA PHE A 8 -12.37 -2.97 -16.78
C PHE A 8 -11.43 -3.78 -15.84
N GLY A 9 -10.19 -4.03 -16.28
CA GLY A 9 -9.26 -4.79 -15.48
C GLY A 9 -8.38 -3.86 -14.70
N ARG A 10 -7.12 -4.23 -14.49
CA ARG A 10 -6.18 -3.40 -13.76
C ARG A 10 -6.04 -2.02 -14.41
N ILE A 11 -5.72 -2.00 -15.71
CA ILE A 11 -5.58 -0.74 -16.44
C ILE A 11 -6.94 -0.05 -16.65
N GLY A 12 -7.93 -0.79 -17.11
CA GLY A 12 -9.23 -0.21 -17.35
C GLY A 12 -9.74 0.51 -16.11
N ARG A 13 -9.61 -0.14 -14.96
CA ARG A 13 -10.08 0.41 -13.70
C ARG A 13 -9.29 1.62 -13.25
N LEU A 14 -7.97 1.59 -13.48
CA LEU A 14 -7.09 2.68 -13.10
C LEU A 14 -7.30 3.88 -14.03
N VAL A 15 -7.45 3.64 -15.33
CA VAL A 15 -7.71 4.72 -16.26
C VAL A 15 -8.98 5.48 -15.81
N TYR A 16 -10.03 4.74 -15.46
CA TYR A 16 -11.25 5.36 -15.00
C TYR A 16 -11.08 6.16 -13.70
N ARG A 17 -10.37 5.61 -12.72
CA ARG A 17 -10.14 6.29 -11.45
C ARG A 17 -9.43 7.61 -11.68
N ILE A 18 -8.51 7.63 -12.66
CA ILE A 18 -7.76 8.84 -12.99
C ILE A 18 -8.69 9.83 -13.67
N ILE A 19 -9.45 9.37 -14.65
CA ILE A 19 -10.39 10.23 -15.35
C ILE A 19 -11.27 10.92 -14.31
N TYR A 20 -11.72 10.13 -13.32
CA TYR A 20 -12.56 10.63 -12.24
C TYR A 20 -11.85 11.64 -11.35
N GLU A 21 -10.56 11.43 -11.12
CA GLU A 21 -9.83 12.37 -10.29
C GLU A 21 -9.56 13.67 -10.99
N ARG A 22 -9.21 13.64 -12.27
CA ARG A 22 -8.91 14.87 -13.00
C ARG A 22 -10.07 15.85 -13.19
N LYS A 23 -11.30 15.35 -13.12
CA LYS A 23 -12.51 16.18 -13.27
C LYS A 23 -12.54 16.99 -14.57
N ASN A 24 -12.12 16.39 -15.68
CA ASN A 24 -12.13 17.10 -16.95
C ASN A 24 -13.55 17.06 -17.49
N PRO A 25 -14.18 18.23 -17.66
CA PRO A 25 -15.54 18.41 -18.17
C PRO A 25 -15.81 17.87 -19.56
N ASP A 26 -14.79 17.93 -20.40
CA ASP A 26 -14.95 17.48 -21.77
C ASP A 26 -14.83 15.96 -21.88
N ILE A 27 -14.82 15.26 -20.76
CA ILE A 27 -14.75 13.81 -20.82
C ILE A 27 -15.87 13.17 -20.01
N GLU A 28 -16.72 12.44 -20.72
CA GLU A 28 -17.84 11.76 -20.10
C GLU A 28 -17.66 10.29 -20.44
N VAL A 29 -17.52 9.47 -19.40
CA VAL A 29 -17.39 8.03 -19.58
C VAL A 29 -18.83 7.55 -19.52
N VAL A 30 -19.33 7.02 -20.62
CA VAL A 30 -20.73 6.58 -20.70
C VAL A 30 -20.98 5.08 -20.69
N ALA A 31 -19.97 4.28 -21.01
CA ALA A 31 -20.13 2.83 -21.02
C ALA A 31 -18.89 2.12 -20.52
N ILE A 32 -19.08 0.92 -20.00
CA ILE A 32 -17.98 0.09 -19.52
C ILE A 32 -18.36 -1.33 -19.93
N ASN A 33 -17.45 -2.05 -20.56
CA ASN A 33 -17.77 -3.42 -20.96
C ASN A 33 -16.70 -4.36 -20.42
N ASP A 34 -17.12 -5.50 -19.91
CA ASP A 34 -16.19 -6.49 -19.40
C ASP A 34 -16.88 -7.84 -19.62
N LEU A 35 -16.63 -8.82 -18.77
CA LEU A 35 -17.23 -10.15 -18.92
C LEU A 35 -17.91 -10.63 -17.66
N THR A 36 -18.23 -9.71 -16.76
CA THR A 36 -18.80 -10.12 -15.49
C THR A 36 -20.04 -9.25 -15.19
N ASP A 37 -20.55 -9.31 -13.96
CA ASP A 37 -21.73 -8.51 -13.61
C ASP A 37 -21.37 -7.20 -12.90
N THR A 38 -22.38 -6.35 -12.70
CA THR A 38 -22.18 -5.03 -12.07
C THR A 38 -21.74 -5.10 -10.62
N LYS A 39 -22.25 -6.06 -9.87
CA LYS A 39 -21.87 -6.21 -8.48
C LYS A 39 -20.38 -6.48 -8.34
N THR A 40 -19.86 -7.31 -9.22
CA THR A 40 -18.44 -7.65 -9.22
C THR A 40 -17.62 -6.43 -9.67
N LEU A 41 -18.04 -5.77 -10.73
CA LEU A 41 -17.32 -4.60 -11.21
C LEU A 41 -17.33 -3.49 -10.18
N ALA A 42 -18.45 -3.33 -9.49
CA ALA A 42 -18.59 -2.31 -8.45
C ALA A 42 -17.63 -2.62 -7.30
N HIS A 43 -17.61 -3.88 -6.86
CA HIS A 43 -16.73 -4.28 -5.78
C HIS A 43 -15.25 -4.11 -6.18
N LEU A 44 -14.89 -4.55 -7.38
CA LEU A 44 -13.51 -4.41 -7.83
C LEU A 44 -13.08 -2.95 -8.01
N LEU A 45 -14.03 -2.07 -8.28
CA LEU A 45 -13.71 -0.65 -8.45
C LEU A 45 -13.49 -0.03 -7.10
N LYS A 46 -14.32 -0.45 -6.15
CA LYS A 46 -14.26 0.10 -4.82
C LYS A 46 -13.01 -0.26 -4.01
N TYR A 47 -12.65 -1.53 -4.00
CA TYR A 47 -11.49 -1.98 -3.23
C TYR A 47 -10.34 -2.44 -4.16
N ASP A 48 -9.12 -2.04 -3.82
CA ASP A 48 -7.96 -2.41 -4.63
C ASP A 48 -6.87 -2.89 -3.69
N SER A 49 -6.22 -4.01 -4.05
CA SER A 49 -5.16 -4.62 -3.23
C SER A 49 -3.86 -3.83 -3.22
N VAL A 50 -3.66 -3.01 -4.25
CA VAL A 50 -2.44 -2.23 -4.34
C VAL A 50 -2.68 -0.74 -4.20
N HIS A 51 -3.74 -0.24 -4.80
CA HIS A 51 -4.00 1.18 -4.81
C HIS A 51 -5.02 1.71 -3.86
N LYS A 52 -5.51 0.87 -2.97
CA LYS A 52 -6.47 1.30 -1.98
C LYS A 52 -7.84 1.76 -2.51
N LYS A 53 -8.75 2.03 -1.57
CA LYS A 53 -10.13 2.41 -1.86
C LYS A 53 -10.40 3.57 -2.81
N PHE A 54 -11.44 3.43 -3.63
CA PHE A 54 -11.87 4.46 -4.57
C PHE A 54 -12.43 5.63 -3.75
N PRO A 55 -12.04 6.86 -4.08
CA PRO A 55 -12.48 8.07 -3.37
C PRO A 55 -13.99 8.36 -3.40
N GLY A 56 -14.68 7.95 -4.45
CA GLY A 56 -16.11 8.21 -4.54
C GLY A 56 -17.10 7.15 -4.07
N LYS A 57 -18.38 7.51 -4.13
CA LYS A 57 -19.45 6.62 -3.74
C LYS A 57 -19.82 5.77 -4.95
N VAL A 58 -19.82 4.44 -4.77
CA VAL A 58 -20.12 3.51 -5.85
C VAL A 58 -21.34 2.65 -5.55
N GLU A 59 -22.32 2.69 -6.44
CA GLU A 59 -23.52 1.88 -6.30
C GLU A 59 -23.68 1.15 -7.63
N TYR A 60 -24.64 0.25 -7.71
CA TYR A 60 -24.86 -0.46 -8.96
C TYR A 60 -26.29 -0.92 -9.05
N THR A 61 -26.78 -1.03 -10.29
CA THR A 61 -28.12 -1.51 -10.58
C THR A 61 -27.83 -2.79 -11.34
N GLU A 62 -28.85 -3.41 -11.92
CA GLU A 62 -28.63 -4.64 -12.67
C GLU A 62 -27.82 -4.42 -13.96
N ASN A 63 -27.75 -3.19 -14.45
CA ASN A 63 -27.04 -2.94 -15.70
C ASN A 63 -26.19 -1.69 -15.76
N SER A 64 -25.92 -1.09 -14.62
CA SER A 64 -25.12 0.11 -14.63
C SER A 64 -24.39 0.32 -13.31
N LEU A 65 -23.35 1.14 -13.37
CA LEU A 65 -22.59 1.50 -12.20
C LEU A 65 -23.05 2.92 -11.93
N ILE A 66 -23.15 3.30 -10.67
CA ILE A 66 -23.55 4.66 -10.38
C ILE A 66 -22.51 5.18 -9.43
N VAL A 67 -21.67 6.06 -9.95
CA VAL A 67 -20.58 6.66 -9.19
C VAL A 67 -20.90 8.13 -8.93
N ASP A 68 -21.11 8.45 -7.66
CA ASP A 68 -21.44 9.81 -7.25
C ASP A 68 -22.71 10.33 -7.91
N GLY A 69 -23.69 9.46 -8.12
CA GLY A 69 -24.90 9.91 -8.76
C GLY A 69 -24.88 9.84 -10.28
N LYS A 70 -23.72 9.61 -10.89
CA LYS A 70 -23.66 9.50 -12.34
C LYS A 70 -23.76 8.04 -12.76
N GLU A 71 -24.50 7.78 -13.83
CA GLU A 71 -24.70 6.40 -14.29
C GLU A 71 -23.87 6.02 -15.51
N ILE A 72 -23.20 4.87 -15.41
CA ILE A 72 -22.37 4.34 -16.48
C ILE A 72 -23.02 3.03 -16.87
N LYS A 73 -23.37 2.85 -18.12
CA LYS A 73 -23.97 1.59 -18.52
C LYS A 73 -22.88 0.54 -18.57
N VAL A 74 -23.23 -0.69 -18.19
CA VAL A 74 -22.29 -1.79 -18.19
C VAL A 74 -22.74 -2.94 -19.09
N PHE A 75 -21.86 -3.40 -19.95
CA PHE A 75 -22.16 -4.48 -20.84
C PHE A 75 -21.25 -5.64 -20.53
N ALA A 76 -21.59 -6.80 -21.05
CA ALA A 76 -20.81 -8.01 -20.85
C ALA A 76 -20.74 -8.68 -22.22
N GLU A 77 -20.37 -7.90 -23.22
CA GLU A 77 -20.29 -8.35 -24.61
C GLU A 77 -18.88 -8.70 -25.05
N PRO A 78 -18.55 -10.00 -25.12
CA PRO A 78 -17.19 -10.37 -25.54
C PRO A 78 -16.81 -10.00 -26.98
N ASP A 79 -17.81 -9.65 -27.80
CA ASP A 79 -17.58 -9.29 -29.20
C ASP A 79 -17.81 -7.77 -29.33
N PRO A 80 -16.73 -6.97 -29.50
CA PRO A 80 -16.82 -5.51 -29.63
C PRO A 80 -17.75 -5.02 -30.72
N SER A 81 -17.93 -5.82 -31.78
CA SER A 81 -18.79 -5.42 -32.90
C SER A 81 -20.26 -5.32 -32.50
N LYS A 82 -20.63 -6.02 -31.43
CA LYS A 82 -21.99 -6.04 -30.94
C LYS A 82 -22.23 -4.98 -29.87
N LEU A 83 -21.26 -4.10 -29.67
CA LEU A 83 -21.41 -3.05 -28.67
C LEU A 83 -22.12 -1.85 -29.34
N PRO A 84 -23.08 -1.23 -28.64
CA PRO A 84 -23.89 -0.09 -29.11
C PRO A 84 -23.19 1.25 -29.07
N TRP A 85 -21.99 1.34 -29.65
CA TRP A 85 -21.23 2.58 -29.61
C TRP A 85 -21.93 3.69 -30.35
N LYS A 86 -22.48 3.35 -31.50
CA LYS A 86 -23.22 4.31 -32.33
C LYS A 86 -24.40 4.92 -31.56
N ASP A 87 -25.15 4.07 -30.86
CA ASP A 87 -26.31 4.50 -30.10
C ASP A 87 -25.96 5.24 -28.83
N LEU A 88 -24.85 4.86 -28.20
CA LEU A 88 -24.38 5.52 -27.00
C LEU A 88 -23.67 6.83 -27.36
N GLY A 89 -23.26 6.94 -28.63
CA GLY A 89 -22.59 8.14 -29.09
C GLY A 89 -21.16 8.18 -28.61
N VAL A 90 -20.53 7.02 -28.66
CA VAL A 90 -19.15 6.87 -28.22
C VAL A 90 -18.15 7.44 -29.23
N ASP A 91 -17.36 8.44 -28.80
CA ASP A 91 -16.34 9.03 -29.66
C ASP A 91 -15.07 8.20 -29.57
N PHE A 92 -14.56 8.05 -28.35
CA PHE A 92 -13.32 7.29 -28.11
C PHE A 92 -13.51 6.08 -27.23
N VAL A 93 -12.79 5.02 -27.56
CA VAL A 93 -12.82 3.81 -26.77
C VAL A 93 -11.43 3.49 -26.28
N ILE A 94 -11.35 3.11 -25.00
CA ILE A 94 -10.10 2.72 -24.40
C ILE A 94 -10.14 1.19 -24.45
N GLU A 95 -9.25 0.63 -25.26
CA GLU A 95 -9.17 -0.81 -25.44
C GLU A 95 -8.15 -1.42 -24.47
N SER A 96 -8.66 -1.87 -23.31
CA SER A 96 -7.82 -2.46 -22.28
C SER A 96 -8.14 -3.89 -21.86
N THR A 97 -8.60 -4.73 -22.79
CA THR A 97 -8.92 -6.12 -22.50
C THR A 97 -7.65 -6.94 -22.65
N GLY A 98 -6.78 -6.45 -23.52
CA GLY A 98 -5.53 -7.13 -23.78
C GLY A 98 -5.67 -8.15 -24.89
N VAL A 99 -6.86 -8.31 -25.48
CA VAL A 99 -7.06 -9.29 -26.57
C VAL A 99 -7.44 -8.73 -27.95
N PHE A 100 -7.49 -7.41 -28.08
CA PHE A 100 -7.85 -6.80 -29.36
C PHE A 100 -6.76 -5.83 -29.77
N ARG A 101 -5.54 -6.35 -29.86
CA ARG A 101 -4.38 -5.54 -30.19
C ARG A 101 -4.06 -5.28 -31.67
N ASN A 102 -4.52 -6.16 -32.55
CA ASN A 102 -4.28 -5.98 -33.97
C ASN A 102 -5.38 -5.11 -34.56
N ARG A 103 -5.04 -4.41 -35.64
CA ARG A 103 -5.97 -3.52 -36.32
C ARG A 103 -7.32 -4.14 -36.64
N GLU A 104 -7.34 -5.38 -37.11
CA GLU A 104 -8.58 -6.08 -37.45
C GLU A 104 -9.54 -6.15 -36.28
N LYS A 105 -9.01 -6.36 -35.08
CA LYS A 105 -9.85 -6.44 -33.88
C LYS A 105 -10.27 -5.04 -33.42
N ALA A 106 -9.29 -4.16 -33.27
CA ALA A 106 -9.53 -2.79 -32.82
C ALA A 106 -10.60 -2.11 -33.66
N GLU A 107 -10.61 -2.40 -34.97
CA GLU A 107 -11.58 -1.84 -35.90
C GLU A 107 -13.04 -2.16 -35.62
N LEU A 108 -13.28 -3.30 -34.95
CA LEU A 108 -14.64 -3.67 -34.63
C LEU A 108 -15.33 -2.58 -33.82
N HIS A 109 -14.56 -1.79 -33.05
CA HIS A 109 -15.12 -0.68 -32.27
C HIS A 109 -15.55 0.44 -33.18
N LEU A 110 -14.81 0.63 -34.27
CA LEU A 110 -15.13 1.67 -35.26
C LEU A 110 -16.41 1.22 -36.00
N GLN A 111 -16.41 -0.03 -36.43
CA GLN A 111 -17.56 -0.62 -37.10
C GLN A 111 -18.79 -0.44 -36.21
N ALA A 112 -18.63 -0.67 -34.91
CA ALA A 112 -19.73 -0.54 -33.92
C ALA A 112 -20.18 0.90 -33.72
N GLY A 113 -19.42 1.85 -34.27
CA GLY A 113 -19.81 3.23 -34.13
C GLY A 113 -18.87 4.19 -33.45
N ALA A 114 -17.78 3.72 -32.85
CA ALA A 114 -16.88 4.67 -32.21
C ALA A 114 -16.01 5.35 -33.26
N LYS A 115 -15.43 6.50 -32.89
CA LYS A 115 -14.60 7.28 -33.79
C LYS A 115 -13.12 6.92 -33.72
N LYS A 116 -12.58 6.86 -32.51
CA LYS A 116 -11.18 6.54 -32.30
C LYS A 116 -10.97 5.52 -31.18
N VAL A 117 -9.97 4.66 -31.35
CA VAL A 117 -9.62 3.61 -30.38
C VAL A 117 -8.20 3.75 -29.86
N ILE A 118 -8.05 3.72 -28.54
CA ILE A 118 -6.73 3.78 -27.92
C ILE A 118 -6.48 2.43 -27.25
N ILE A 119 -5.50 1.70 -27.76
CA ILE A 119 -5.15 0.39 -27.22
C ILE A 119 -4.10 0.59 -26.12
N THR A 120 -4.29 0.00 -24.95
CA THR A 120 -3.33 0.19 -23.86
C THR A 120 -2.26 -0.90 -23.88
N ALA A 121 -1.64 -1.12 -25.03
CA ALA A 121 -0.61 -2.14 -25.19
C ALA A 121 -0.03 -2.03 -26.58
N PRO A 122 1.09 -2.70 -26.85
CA PRO A 122 1.65 -2.62 -28.21
C PRO A 122 0.62 -3.23 -29.13
N ALA A 123 0.58 -2.77 -30.37
CA ALA A 123 -0.41 -3.26 -31.29
C ALA A 123 0.20 -3.66 -32.61
N LYS A 124 -0.63 -4.20 -33.48
CA LYS A 124 -0.21 -4.61 -34.81
C LYS A 124 -1.18 -3.93 -35.80
N GLY A 125 -0.64 -3.14 -36.72
CA GLY A 125 -1.49 -2.47 -37.69
C GLY A 125 -2.03 -1.13 -37.25
N GLU A 126 -1.61 -0.68 -36.08
CA GLU A 126 -2.06 0.61 -35.59
C GLU A 126 -1.61 1.76 -36.51
N ASP A 127 -2.29 2.89 -36.42
CA ASP A 127 -1.93 4.04 -37.23
C ASP A 127 -0.71 4.74 -36.65
N ILE A 128 -0.56 4.64 -35.34
CA ILE A 128 0.54 5.27 -34.67
C ILE A 128 0.66 4.78 -33.25
N THR A 129 1.89 4.60 -32.81
CA THR A 129 2.15 4.21 -31.45
C THR A 129 2.73 5.51 -30.91
N VAL A 130 2.07 6.09 -29.91
CA VAL A 130 2.53 7.35 -29.33
C VAL A 130 2.98 7.21 -27.88
N VAL A 131 4.21 7.63 -27.63
CA VAL A 131 4.80 7.62 -26.30
C VAL A 131 5.06 9.10 -25.96
N ILE A 132 4.25 9.65 -25.09
CA ILE A 132 4.41 11.03 -24.70
C ILE A 132 5.83 11.26 -24.17
N GLY A 133 6.48 12.29 -24.69
CA GLY A 133 7.85 12.58 -24.31
C GLY A 133 8.77 12.15 -25.44
N CYS A 134 8.22 11.42 -26.40
CA CYS A 134 8.98 10.97 -27.55
C CYS A 134 8.42 11.47 -28.87
N ASN A 135 7.17 11.13 -29.16
CA ASN A 135 6.57 11.50 -30.43
C ASN A 135 5.12 11.97 -30.39
N GLU A 136 4.65 12.49 -29.27
CA GLU A 136 3.26 12.95 -29.22
C GLU A 136 2.93 13.93 -30.34
N ASP A 137 3.93 14.70 -30.79
CA ASP A 137 3.75 15.68 -31.87
C ASP A 137 3.51 15.06 -33.26
N GLN A 138 3.53 13.73 -33.34
CA GLN A 138 3.31 13.03 -34.60
C GLN A 138 1.87 12.57 -34.67
N LEU A 139 1.12 12.86 -33.61
CA LEU A 139 -0.29 12.50 -33.54
C LEU A 139 -1.04 13.46 -34.46
N LYS A 140 -1.81 12.91 -35.38
CA LYS A 140 -2.57 13.67 -36.38
C LYS A 140 -4.02 13.32 -36.16
N PRO A 141 -4.93 14.25 -36.48
CA PRO A 141 -6.37 14.03 -36.31
C PRO A 141 -6.86 12.86 -37.15
N GLU A 142 -6.10 12.52 -38.18
CA GLU A 142 -6.47 11.39 -39.05
C GLU A 142 -6.22 10.03 -38.38
N HIS A 143 -5.42 10.03 -37.31
CA HIS A 143 -5.10 8.79 -36.59
C HIS A 143 -6.33 8.28 -35.88
N THR A 144 -6.70 7.06 -36.22
CA THR A 144 -7.89 6.44 -35.70
C THR A 144 -7.69 5.26 -34.74
N ILE A 145 -6.62 4.50 -34.97
CA ILE A 145 -6.29 3.36 -34.13
C ILE A 145 -4.90 3.68 -33.60
N ILE A 146 -4.87 4.06 -32.32
CA ILE A 146 -3.68 4.49 -31.61
C ILE A 146 -3.22 3.54 -30.51
N SER A 147 -1.91 3.45 -30.31
CA SER A 147 -1.37 2.60 -29.25
C SER A 147 -0.50 3.46 -28.35
N CYS A 148 -0.53 3.15 -27.06
CA CYS A 148 0.27 3.85 -26.08
C CYS A 148 1.47 2.99 -25.72
N ALA A 149 1.73 1.96 -26.52
CA ALA A 149 2.86 1.06 -26.27
C ALA A 149 2.72 0.39 -24.91
N SER A 150 3.80 -0.14 -24.37
CA SER A 150 3.74 -0.81 -23.07
C SER A 150 4.34 0.07 -21.97
N CYS A 151 4.13 -0.33 -20.72
CA CYS A 151 4.65 0.42 -19.57
C CYS A 151 6.17 0.50 -19.58
N THR A 152 6.85 -0.58 -19.95
CA THR A 152 8.30 -0.56 -19.98
C THR A 152 8.82 0.40 -21.05
N THR A 153 8.15 0.43 -22.20
CA THR A 153 8.54 1.33 -23.28
C THR A 153 8.46 2.76 -22.77
N ASN A 154 7.34 3.10 -22.15
CA ASN A 154 7.14 4.44 -21.61
C ASN A 154 8.14 4.82 -20.51
N SER A 155 8.62 3.84 -19.75
CA SER A 155 9.56 4.11 -18.66
C SER A 155 10.96 4.47 -19.16
N ILE A 156 11.33 3.92 -20.31
CA ILE A 156 12.67 4.12 -20.81
C ILE A 156 12.84 4.87 -22.13
N ALA A 157 11.86 4.84 -23.01
CA ALA A 157 11.98 5.53 -24.30
C ALA A 157 12.32 7.01 -24.23
N PRO A 158 11.64 7.78 -23.35
CA PRO A 158 11.99 9.20 -23.29
C PRO A 158 13.43 9.44 -22.87
N ILE A 159 13.98 8.51 -22.09
CA ILE A 159 15.35 8.62 -21.61
C ILE A 159 16.28 8.24 -22.73
N VAL A 160 15.91 7.21 -23.49
CA VAL A 160 16.73 6.77 -24.63
C VAL A 160 16.89 7.93 -25.62
N LYS A 161 15.80 8.63 -25.93
CA LYS A 161 15.82 9.77 -26.84
C LYS A 161 16.89 10.80 -26.39
N VAL A 162 16.78 11.27 -25.15
CA VAL A 162 17.71 12.24 -24.59
C VAL A 162 19.17 11.78 -24.65
N LEU A 163 19.42 10.55 -24.22
CA LEU A 163 20.78 9.99 -24.22
C LEU A 163 21.33 9.92 -25.63
N HIS A 164 20.52 9.40 -26.53
CA HIS A 164 20.94 9.30 -27.92
C HIS A 164 21.28 10.69 -28.45
N GLU A 165 20.48 11.66 -28.04
CA GLU A 165 20.60 13.06 -28.43
C GLU A 165 21.90 13.66 -27.97
N LYS A 166 22.24 13.42 -26.72
CA LYS A 166 23.46 13.96 -26.15
C LYS A 166 24.75 13.22 -26.43
N PHE A 167 24.73 11.89 -26.31
CA PHE A 167 25.95 11.13 -26.49
C PHE A 167 25.94 10.14 -27.64
N GLY A 168 24.80 10.00 -28.29
CA GLY A 168 24.68 9.08 -29.41
C GLY A 168 24.75 7.64 -28.97
N ILE A 169 23.79 6.83 -29.40
CA ILE A 169 23.75 5.43 -29.02
C ILE A 169 24.24 4.51 -30.13
N VAL A 170 25.14 3.59 -29.78
CA VAL A 170 25.69 2.64 -30.73
C VAL A 170 24.95 1.31 -30.58
N SER A 171 24.88 0.81 -29.35
CA SER A 171 24.21 -0.46 -29.02
C SER A 171 23.67 -0.40 -27.60
N GLY A 172 22.71 -1.25 -27.29
CA GLY A 172 22.18 -1.25 -25.94
C GLY A 172 21.23 -2.39 -25.61
N MET A 173 21.19 -2.74 -24.34
CA MET A 173 20.32 -3.80 -23.88
C MET A 173 19.62 -3.43 -22.60
N LEU A 174 18.31 -3.66 -22.55
CA LEU A 174 17.56 -3.36 -21.33
C LEU A 174 16.96 -4.60 -20.69
N THR A 175 16.94 -4.59 -19.36
CA THR A 175 16.36 -5.67 -18.57
C THR A 175 15.45 -5.04 -17.54
N THR A 176 14.16 -5.31 -17.62
CA THR A 176 13.24 -4.77 -16.64
C THR A 176 12.94 -5.83 -15.58
N VAL A 177 13.11 -5.46 -14.31
CA VAL A 177 12.80 -6.32 -13.16
C VAL A 177 11.39 -5.81 -12.91
N HIS A 178 10.45 -6.65 -13.29
CA HIS A 178 9.04 -6.31 -13.35
C HIS A 178 8.11 -7.03 -12.38
N SER A 179 7.15 -6.32 -11.78
CA SER A 179 6.18 -6.97 -10.90
C SER A 179 5.33 -7.93 -11.74
N TYR A 180 4.72 -8.92 -11.10
CA TYR A 180 3.92 -9.85 -11.88
C TYR A 180 2.60 -9.20 -12.32
N THR A 181 1.92 -9.80 -13.31
CA THR A 181 0.64 -9.28 -13.80
C THR A 181 -0.36 -10.41 -13.99
N ASN A 182 -1.58 -10.04 -14.39
CA ASN A 182 -2.62 -11.03 -14.60
C ASN A 182 -2.38 -11.92 -15.80
N ASP A 183 -1.29 -11.73 -16.51
CA ASP A 183 -1.02 -12.59 -17.63
C ASP A 183 -0.30 -13.81 -17.10
N GLN A 184 0.09 -13.74 -15.83
CA GLN A 184 0.81 -14.84 -15.21
C GLN A 184 -0.13 -15.84 -14.53
N ARG A 185 0.43 -16.74 -13.72
CA ARG A 185 -0.34 -17.81 -13.06
C ARG A 185 -0.09 -17.86 -11.58
N VAL A 186 -1.08 -18.31 -10.81
CA VAL A 186 -0.96 -18.45 -9.35
C VAL A 186 0.00 -19.61 -9.08
N LEU A 187 -0.29 -20.77 -9.67
CA LEU A 187 0.58 -21.93 -9.54
C LEU A 187 0.77 -22.47 -10.96
N ASP A 188 1.72 -23.36 -11.15
CA ASP A 188 2.00 -23.90 -12.48
C ASP A 188 0.77 -24.31 -13.29
N LEU A 189 0.48 -23.55 -14.34
CA LEU A 189 -0.67 -23.78 -15.23
C LEU A 189 -0.24 -23.49 -16.65
N PRO A 190 -0.86 -24.14 -17.65
CA PRO A 190 -0.51 -23.92 -19.07
C PRO A 190 -0.54 -22.46 -19.48
N HIS A 191 0.37 -22.09 -20.37
CA HIS A 191 0.47 -20.73 -20.87
C HIS A 191 1.28 -20.84 -22.17
N LYS A 192 1.13 -19.88 -23.09
CA LYS A 192 1.92 -19.92 -24.33
C LYS A 192 3.39 -19.93 -23.95
N ASP A 193 3.77 -18.96 -23.14
CA ASP A 193 5.13 -18.79 -22.65
C ASP A 193 5.29 -19.80 -21.51
N LEU A 194 6.18 -20.76 -21.67
CA LEU A 194 6.40 -21.78 -20.65
C LEU A 194 6.99 -21.29 -19.31
N ARG A 195 7.59 -20.11 -19.33
CA ARG A 195 8.11 -19.52 -18.11
C ARG A 195 6.96 -18.78 -17.41
N ARG A 196 6.15 -18.03 -18.13
CA ARG A 196 5.02 -17.35 -17.50
C ARG A 196 3.96 -18.34 -16.97
N ALA A 197 4.11 -19.61 -17.29
CA ALA A 197 3.19 -20.64 -16.85
C ALA A 197 3.44 -20.96 -15.38
N ARG A 198 4.59 -20.55 -14.87
CA ARG A 198 5.00 -20.87 -13.51
C ARG A 198 4.47 -19.98 -12.37
N ALA A 199 4.35 -20.56 -11.18
CA ALA A 199 3.88 -19.88 -9.98
C ALA A 199 4.47 -18.49 -9.91
N ALA A 200 3.63 -17.48 -10.11
CA ALA A 200 4.07 -16.10 -10.14
C ALA A 200 4.74 -15.56 -8.91
N ALA A 201 4.18 -15.87 -7.75
CA ALA A 201 4.71 -15.31 -6.52
C ALA A 201 5.86 -16.06 -5.88
N VAL A 202 6.34 -17.13 -6.49
CA VAL A 202 7.45 -17.86 -5.89
C VAL A 202 8.67 -18.10 -6.80
N ASN A 203 8.72 -17.45 -7.96
CA ASN A 203 9.83 -17.64 -8.90
C ASN A 203 10.38 -16.36 -9.46
N ILE A 204 11.64 -16.42 -9.90
CA ILE A 204 12.31 -15.33 -10.61
C ILE A 204 12.07 -15.89 -12.01
N ILE A 205 11.30 -15.17 -12.81
CA ILE A 205 10.91 -15.62 -14.13
C ILE A 205 11.35 -14.78 -15.34
N PRO A 206 12.30 -15.30 -16.14
CA PRO A 206 12.72 -14.56 -17.32
C PRO A 206 11.60 -14.72 -18.37
N THR A 207 11.31 -13.63 -19.07
CA THR A 207 10.28 -13.65 -20.07
C THR A 207 10.47 -12.44 -21.00
N THR A 208 9.47 -12.13 -21.80
CA THR A 208 9.54 -11.04 -22.76
C THR A 208 9.07 -9.67 -22.30
N THR A 209 9.48 -8.65 -23.05
CA THR A 209 9.08 -7.29 -22.77
C THR A 209 8.73 -6.61 -24.10
N GLY A 210 7.61 -5.88 -24.09
CA GLY A 210 7.16 -5.18 -25.30
C GLY A 210 8.01 -3.97 -25.66
N ALA A 211 9.01 -3.67 -24.82
CA ALA A 211 9.88 -2.53 -25.05
C ALA A 211 11.05 -2.90 -25.94
N ALA A 212 11.29 -4.18 -26.11
CA ALA A 212 12.40 -4.60 -26.95
C ALA A 212 12.27 -4.05 -28.38
N LYS A 213 11.05 -3.98 -28.91
CA LYS A 213 10.84 -3.47 -30.26
C LYS A 213 10.23 -2.07 -30.31
N ALA A 214 9.29 -1.81 -29.41
CA ALA A 214 8.58 -0.55 -29.36
C ALA A 214 9.41 0.73 -29.18
N VAL A 215 10.54 0.66 -28.49
CA VAL A 215 11.35 1.85 -28.29
C VAL A 215 11.71 2.51 -29.63
N ALA A 216 12.01 1.69 -30.62
CA ALA A 216 12.38 2.17 -31.97
C ALA A 216 11.20 2.82 -32.73
N LEU A 217 9.98 2.45 -32.37
CA LEU A 217 8.80 3.02 -32.99
C LEU A 217 8.69 4.49 -32.64
N VAL A 218 9.16 4.83 -31.45
CA VAL A 218 9.07 6.20 -30.98
C VAL A 218 10.39 6.99 -31.06
N VAL A 219 11.50 6.28 -31.17
CA VAL A 219 12.83 6.89 -31.31
C VAL A 219 13.43 6.08 -32.45
N PRO A 220 13.02 6.42 -33.68
CA PRO A 220 13.47 5.76 -34.92
C PRO A 220 14.97 5.71 -35.06
N GLU A 221 15.65 6.71 -34.52
CA GLU A 221 17.10 6.82 -34.60
C GLU A 221 17.85 5.66 -33.98
N VAL A 222 17.22 4.95 -33.07
CA VAL A 222 17.87 3.85 -32.38
C VAL A 222 17.43 2.49 -32.91
N LYS A 223 16.72 2.53 -34.04
CA LYS A 223 16.22 1.34 -34.69
C LYS A 223 17.35 0.34 -35.00
N GLY A 224 17.22 -0.86 -34.43
CA GLY A 224 18.20 -1.91 -34.65
C GLY A 224 19.36 -1.92 -33.68
N LYS A 225 19.31 -1.05 -32.68
CA LYS A 225 20.40 -0.97 -31.72
C LYS A 225 20.10 -1.47 -30.32
N LEU A 226 18.83 -1.62 -30.00
CA LEU A 226 18.42 -2.09 -28.70
C LEU A 226 17.74 -3.43 -28.78
N ASP A 227 17.67 -4.08 -27.63
CA ASP A 227 17.00 -5.35 -27.45
C ASP A 227 16.79 -5.45 -25.95
N GLY A 228 15.91 -6.33 -25.50
CA GLY A 228 15.71 -6.41 -24.08
C GLY A 228 14.92 -7.61 -23.67
N MET A 229 14.84 -7.83 -22.36
CA MET A 229 14.12 -8.95 -21.81
C MET A 229 13.51 -8.50 -20.49
N ALA A 230 12.66 -9.34 -19.93
CA ALA A 230 12.04 -9.04 -18.65
C ALA A 230 12.35 -10.14 -17.67
N ILE A 231 12.32 -9.75 -16.40
CA ILE A 231 12.49 -10.67 -15.30
C ILE A 231 11.37 -10.33 -14.33
N ARG A 232 10.32 -11.14 -14.39
CA ARG A 232 9.14 -11.01 -13.55
C ARG A 232 9.50 -11.55 -12.17
N VAL A 233 9.18 -10.78 -11.13
CA VAL A 233 9.48 -11.18 -9.76
C VAL A 233 8.25 -11.08 -8.85
N PRO A 234 8.30 -11.74 -7.66
CA PRO A 234 7.17 -11.71 -6.73
C PRO A 234 6.71 -10.41 -6.05
N THR A 235 6.46 -9.35 -6.83
CA THR A 235 5.88 -8.12 -6.27
C THR A 235 4.64 -7.85 -7.11
N PRO A 236 3.57 -7.32 -6.49
CA PRO A 236 2.28 -7.03 -7.14
C PRO A 236 2.27 -5.82 -8.05
N ASP A 237 3.15 -4.86 -7.77
CA ASP A 237 3.26 -3.64 -8.56
C ASP A 237 4.58 -2.93 -8.28
N GLY A 238 5.14 -2.30 -9.31
CA GLY A 238 6.40 -1.58 -9.18
C GLY A 238 7.44 -2.30 -10.02
N SER A 239 8.14 -1.58 -10.89
CA SER A 239 9.14 -2.20 -11.75
C SER A 239 10.32 -1.28 -11.95
N ILE A 240 11.42 -1.81 -12.50
CA ILE A 240 12.60 -1.01 -12.76
C ILE A 240 13.32 -1.47 -14.03
N THR A 241 13.56 -0.52 -14.93
CA THR A 241 14.26 -0.81 -16.17
C THR A 241 15.75 -0.48 -15.98
N ASP A 242 16.57 -1.49 -16.24
CA ASP A 242 18.02 -1.44 -16.13
C ASP A 242 18.59 -1.39 -17.56
N LEU A 243 19.01 -0.20 -18.00
CA LEU A 243 19.52 -0.01 -19.35
C LEU A 243 21.05 0.12 -19.37
N THR A 244 21.71 -0.74 -20.12
CA THR A 244 23.16 -0.72 -20.29
C THR A 244 23.32 -0.34 -21.77
N VAL A 245 23.89 0.82 -22.03
CA VAL A 245 24.01 1.28 -23.40
C VAL A 245 25.42 1.72 -23.78
N LEU A 246 25.87 1.34 -24.97
CA LEU A 246 27.19 1.72 -25.49
C LEU A 246 27.01 3.03 -26.26
N VAL A 247 27.56 4.08 -25.69
CA VAL A 247 27.43 5.41 -26.24
C VAL A 247 28.59 5.77 -27.19
N GLU A 248 28.42 6.86 -27.94
CA GLU A 248 29.44 7.30 -28.90
C GLU A 248 30.42 8.27 -28.28
N LYS A 249 29.93 9.17 -27.46
CA LYS A 249 30.80 10.16 -26.81
C LYS A 249 31.26 9.71 -25.45
N GLU A 250 32.44 10.17 -25.05
CA GLU A 250 33.01 9.84 -23.75
C GLU A 250 32.30 10.66 -22.69
N THR A 251 31.81 10.00 -21.65
CA THR A 251 31.13 10.68 -20.56
C THR A 251 31.57 10.27 -19.19
N THR A 252 30.79 10.72 -18.22
CA THR A 252 31.00 10.49 -16.81
C THR A 252 29.62 10.39 -16.15
N VAL A 253 29.56 9.75 -14.99
CA VAL A 253 28.32 9.60 -14.26
C VAL A 253 27.70 10.98 -14.03
N GLU A 254 28.54 11.92 -13.60
CA GLU A 254 28.10 13.29 -13.32
C GLU A 254 27.42 13.96 -14.51
N GLU A 255 28.00 13.83 -15.69
CA GLU A 255 27.43 14.47 -16.85
C GLU A 255 26.08 13.87 -17.30
N VAL A 256 25.96 12.55 -17.24
CA VAL A 256 24.73 11.83 -17.59
C VAL A 256 23.61 12.28 -16.66
N ASN A 257 23.92 12.31 -15.35
CA ASN A 257 22.95 12.72 -14.34
C ASN A 257 22.52 14.15 -14.58
N ALA A 258 23.50 15.04 -14.74
CA ALA A 258 23.23 16.46 -14.97
C ALA A 258 22.36 16.67 -16.21
N VAL A 259 22.66 15.92 -17.27
CA VAL A 259 21.92 15.98 -18.54
C VAL A 259 20.49 15.50 -18.33
N MET A 260 20.32 14.48 -17.50
CA MET A 260 18.99 13.97 -17.22
C MET A 260 18.21 14.89 -16.31
N LYS A 261 18.86 15.43 -15.29
CA LYS A 261 18.15 16.32 -14.39
C LYS A 261 17.61 17.49 -15.18
N GLU A 262 18.45 17.99 -16.08
CA GLU A 262 18.10 19.09 -16.95
C GLU A 262 16.80 18.77 -17.68
N ALA A 263 16.77 17.60 -18.32
CA ALA A 263 15.61 17.14 -19.09
C ALA A 263 14.33 17.05 -18.28
N THR A 264 14.43 16.51 -17.06
CA THR A 264 13.26 16.37 -16.21
C THR A 264 12.69 17.70 -15.67
N GLU A 265 13.45 18.78 -15.77
CA GLU A 265 12.97 20.09 -15.34
C GLU A 265 12.37 20.84 -16.50
N GLY A 266 12.52 20.29 -17.69
CA GLY A 266 11.98 20.93 -18.87
C GLY A 266 11.12 20.06 -19.75
N ARG A 267 11.67 19.64 -20.88
CA ARG A 267 10.91 18.82 -21.82
C ARG A 267 10.19 17.61 -21.24
N LEU A 268 10.86 16.88 -20.37
CA LEU A 268 10.28 15.67 -19.80
C LEU A 268 9.58 15.91 -18.45
N LYS A 269 9.37 17.18 -18.12
CA LYS A 269 8.73 17.57 -16.86
C LYS A 269 7.37 16.91 -16.67
N GLY A 270 7.23 16.11 -15.62
CA GLY A 270 5.97 15.42 -15.37
C GLY A 270 5.89 14.07 -16.07
N ILE A 271 6.83 13.78 -16.95
CA ILE A 271 6.88 12.51 -17.67
C ILE A 271 7.94 11.64 -17.02
N ILE A 272 9.17 12.15 -16.93
CA ILE A 272 10.26 11.44 -16.29
C ILE A 272 10.65 12.23 -15.04
N GLY A 273 10.68 11.54 -13.90
CA GLY A 273 11.06 12.17 -12.65
C GLY A 273 12.55 11.98 -12.40
N TYR A 274 13.10 12.71 -11.42
CA TYR A 274 14.50 12.59 -11.09
C TYR A 274 14.65 12.15 -9.65
N ASN A 275 15.50 11.16 -9.42
CA ASN A 275 15.70 10.68 -8.05
C ASN A 275 17.14 10.52 -7.59
N ASP A 276 17.39 10.89 -6.35
CA ASP A 276 18.72 10.72 -5.81
C ASP A 276 18.72 10.23 -4.35
N GLU A 277 17.60 9.64 -3.92
CA GLU A 277 17.51 9.09 -2.57
C GLU A 277 17.47 7.58 -2.72
N PRO A 278 17.91 6.84 -1.70
CA PRO A 278 17.89 5.37 -1.80
C PRO A 278 16.49 4.75 -1.57
N ILE A 279 15.65 4.86 -2.59
CA ILE A 279 14.28 4.36 -2.56
C ILE A 279 14.19 2.93 -3.07
N VAL A 280 13.08 2.26 -2.75
CA VAL A 280 12.86 0.89 -3.20
C VAL A 280 11.50 0.85 -3.91
N SER A 281 11.12 -0.30 -4.48
CA SER A 281 9.85 -0.35 -5.20
C SER A 281 8.61 0.20 -4.51
N SER A 282 8.39 -0.12 -3.24
CA SER A 282 7.19 0.33 -2.55
C SER A 282 7.05 1.84 -2.49
N ASP A 283 8.17 2.53 -2.71
CA ASP A 283 8.20 3.99 -2.66
C ASP A 283 7.69 4.68 -3.91
N ILE A 284 7.60 3.94 -5.00
CA ILE A 284 7.15 4.56 -6.24
C ILE A 284 5.73 4.20 -6.65
N ILE A 285 5.01 3.52 -5.77
CA ILE A 285 3.65 3.15 -6.05
C ILE A 285 2.77 4.36 -5.83
N GLY A 286 1.98 4.69 -6.84
CA GLY A 286 1.11 5.85 -6.78
C GLY A 286 1.66 7.05 -7.55
N THR A 287 2.84 6.92 -8.16
CA THR A 287 3.44 8.02 -8.92
C THR A 287 2.80 8.16 -10.30
N THR A 288 2.72 9.38 -10.80
CA THR A 288 2.13 9.60 -12.10
C THR A 288 3.16 9.56 -13.25
N PHE A 289 4.43 9.61 -12.90
CA PHE A 289 5.49 9.58 -13.91
C PHE A 289 5.52 8.30 -14.73
N SER A 290 6.02 8.39 -15.96
CA SER A 290 6.17 7.23 -16.83
C SER A 290 7.40 6.44 -16.36
N GLY A 291 8.37 7.17 -15.82
CA GLY A 291 9.61 6.59 -15.32
C GLY A 291 10.29 7.60 -14.40
N ILE A 292 11.04 7.08 -13.43
CA ILE A 292 11.74 7.97 -12.53
C ILE A 292 13.20 7.60 -12.63
N PHE A 293 13.96 8.53 -13.22
CA PHE A 293 15.38 8.36 -13.41
C PHE A 293 16.06 8.30 -12.04
N ASP A 294 16.78 7.21 -11.78
CA ASP A 294 17.46 7.03 -10.50
C ASP A 294 18.94 7.35 -10.65
N ALA A 295 19.34 8.53 -10.18
CA ALA A 295 20.72 9.02 -10.26
C ALA A 295 21.71 8.22 -9.43
N THR A 296 21.20 7.49 -8.44
CA THR A 296 22.05 6.69 -7.57
C THR A 296 22.55 5.41 -8.21
N ILE A 297 22.02 5.08 -9.37
CA ILE A 297 22.42 3.85 -10.06
C ILE A 297 23.30 4.08 -11.29
N THR A 298 23.28 5.30 -11.82
CA THR A 298 24.07 5.65 -13.00
C THR A 298 25.53 5.27 -12.85
N ASN A 299 26.06 4.62 -13.87
CA ASN A 299 27.42 4.13 -13.86
C ASN A 299 27.98 4.18 -15.28
N VAL A 300 29.27 4.49 -15.40
CA VAL A 300 29.91 4.53 -16.70
C VAL A 300 31.25 3.85 -16.53
N ILE A 301 31.57 2.93 -17.43
CA ILE A 301 32.88 2.28 -17.40
C ILE A 301 33.48 2.44 -18.78
N GLY A 302 34.77 2.79 -18.81
CA GLY A 302 35.45 2.99 -20.08
C GLY A 302 34.96 4.25 -20.77
N GLY A 303 34.37 5.15 -19.97
CA GLY A 303 33.84 6.41 -20.46
C GLY A 303 32.78 6.25 -21.52
N LYS A 304 32.41 5.03 -21.86
CA LYS A 304 31.44 4.83 -22.91
C LYS A 304 30.33 3.86 -22.62
N LEU A 305 30.55 2.89 -21.72
CA LEU A 305 29.51 1.93 -21.38
C LEU A 305 28.76 2.49 -20.20
N VAL A 306 27.51 2.88 -20.43
CA VAL A 306 26.72 3.47 -19.36
C VAL A 306 25.47 2.70 -18.96
N LYS A 307 25.20 2.73 -17.65
CA LYS A 307 24.02 2.09 -17.08
C LYS A 307 23.12 3.14 -16.49
N VAL A 308 21.84 3.09 -16.80
CA VAL A 308 20.88 3.99 -16.19
C VAL A 308 19.66 3.13 -15.84
N ALA A 309 18.93 3.55 -14.81
CA ALA A 309 17.74 2.82 -14.38
C ALA A 309 16.59 3.77 -14.25
N SER A 310 15.38 3.25 -14.45
CA SER A 310 14.17 4.03 -14.38
C SER A 310 13.09 3.24 -13.62
N TRP A 311 12.66 3.75 -12.46
CA TRP A 311 11.60 3.10 -11.66
C TRP A 311 10.25 3.52 -12.27
N TYR A 312 9.22 2.70 -12.06
CA TYR A 312 7.89 3.05 -12.54
C TYR A 312 6.81 2.19 -11.94
N ASP A 313 5.65 2.78 -11.74
CA ASP A 313 4.50 2.05 -11.23
C ASP A 313 3.85 1.62 -12.54
N ASN A 314 4.14 0.37 -12.96
CA ASN A 314 3.64 -0.19 -14.22
C ASN A 314 2.13 -0.07 -14.51
N GLU A 315 1.32 0.02 -13.46
CA GLU A 315 -0.11 0.12 -13.63
C GLU A 315 -0.53 1.57 -13.68
N TYR A 316 -0.18 2.31 -12.63
CA TYR A 316 -0.56 3.72 -12.48
C TYR A 316 0.16 4.80 -13.30
N GLY A 317 1.47 4.65 -13.53
CA GLY A 317 2.19 5.63 -14.33
C GLY A 317 1.70 5.53 -15.75
N TYR A 318 1.57 4.29 -16.21
CA TYR A 318 1.08 4.02 -17.56
C TYR A 318 -0.35 4.53 -17.78
N SER A 319 -1.26 4.26 -16.85
CA SER A 319 -2.65 4.71 -17.00
C SER A 319 -2.78 6.24 -17.11
N ASN A 320 -1.91 6.97 -16.41
CA ASN A 320 -1.91 8.43 -16.48
C ASN A 320 -1.58 8.83 -17.91
N ARG A 321 -0.64 8.12 -18.53
CA ARG A 321 -0.27 8.37 -19.94
C ARG A 321 -1.43 7.99 -20.86
N VAL A 322 -2.16 6.96 -20.53
CA VAL A 322 -3.30 6.62 -21.36
C VAL A 322 -4.28 7.78 -21.30
N VAL A 323 -4.56 8.30 -20.10
CA VAL A 323 -5.48 9.43 -19.99
C VAL A 323 -4.91 10.72 -20.62
N ASP A 324 -3.59 10.91 -20.60
CA ASP A 324 -2.98 12.08 -21.24
C ASP A 324 -3.20 12.04 -22.75
N THR A 325 -3.07 10.85 -23.34
CA THR A 325 -3.27 10.68 -24.77
C THR A 325 -4.71 11.02 -25.08
N LEU A 326 -5.63 10.54 -24.25
CA LEU A 326 -7.04 10.79 -24.42
C LEU A 326 -7.30 12.28 -24.42
N GLU A 327 -6.60 13.02 -23.56
CA GLU A 327 -6.75 14.47 -23.49
C GLU A 327 -6.18 15.16 -24.73
N LEU A 328 -5.21 14.51 -25.38
CA LEU A 328 -4.60 15.03 -26.59
C LEU A 328 -5.61 15.00 -27.74
N LEU A 329 -6.36 13.91 -27.86
CA LEU A 329 -7.35 13.75 -28.91
C LEU A 329 -8.47 14.75 -28.74
N LEU A 330 -8.54 15.37 -27.58
CA LEU A 330 -9.56 16.36 -27.28
C LEU A 330 -9.26 17.66 -28.07
N LYS A 331 -7.98 17.99 -28.28
CA LYS A 331 -7.63 19.19 -29.04
C LYS A 331 -7.51 18.92 -30.55
N MET A 332 -8.33 18.00 -31.08
CA MET A 332 -8.32 17.64 -32.49
C MET A 332 -9.75 17.39 -33.03
N ALA B 1 2.53 19.31 27.24
CA ALA B 1 3.31 18.15 27.74
C ALA B 1 4.43 17.82 26.75
N ARG B 2 5.64 17.62 27.25
CA ARG B 2 6.78 17.26 26.40
C ARG B 2 6.83 15.74 26.49
N VAL B 3 6.83 15.11 25.33
CA VAL B 3 6.84 13.66 25.17
C VAL B 3 8.14 13.21 24.54
N ALA B 4 8.57 12.00 24.89
CA ALA B 4 9.77 11.39 24.33
C ALA B 4 9.41 9.98 23.86
N ILE B 5 9.97 9.56 22.74
CA ILE B 5 9.70 8.23 22.22
C ILE B 5 10.97 7.42 22.33
N ASN B 6 10.90 6.31 23.03
CA ASN B 6 12.06 5.45 23.15
C ASN B 6 11.80 4.24 22.25
N GLY B 7 12.58 4.08 21.18
CA GLY B 7 12.38 2.97 20.25
C GLY B 7 11.58 3.48 19.07
N PHE B 8 12.25 4.04 18.09
CA PHE B 8 11.61 4.61 16.90
C PHE B 8 11.46 3.55 15.80
N GLY B 9 10.89 2.40 16.15
CA GLY B 9 10.72 1.34 15.16
C GLY B 9 9.35 1.47 14.53
N ARG B 10 8.73 0.34 14.16
CA ARG B 10 7.41 0.36 13.54
C ARG B 10 6.34 1.09 14.38
N ILE B 11 6.27 0.79 15.67
CA ILE B 11 5.29 1.45 16.54
C ILE B 11 5.72 2.87 16.92
N GLY B 12 7.00 3.04 17.25
CA GLY B 12 7.47 4.36 17.62
C GLY B 12 7.29 5.39 16.54
N ARG B 13 7.57 5.00 15.30
CA ARG B 13 7.46 5.86 14.12
C ARG B 13 6.00 6.20 13.78
N LEU B 14 5.11 5.21 13.81
CA LEU B 14 3.69 5.44 13.52
C LEU B 14 3.04 6.31 14.60
N VAL B 15 3.47 6.16 15.84
CA VAL B 15 2.95 6.95 16.96
C VAL B 15 3.31 8.39 16.70
N TYR B 16 4.53 8.62 16.20
CA TYR B 16 4.95 9.98 15.91
C TYR B 16 4.12 10.56 14.80
N ARG B 17 3.91 9.81 13.73
CA ARG B 17 3.13 10.25 12.58
C ARG B 17 1.72 10.64 13.01
N ILE B 18 1.09 9.79 13.81
CA ILE B 18 -0.26 10.04 14.29
C ILE B 18 -0.27 11.32 15.12
N ILE B 19 0.72 11.49 15.99
CA ILE B 19 0.81 12.69 16.82
C ILE B 19 0.95 13.93 15.93
N TYR B 20 1.80 13.81 14.91
CA TYR B 20 2.02 14.89 13.96
C TYR B 20 0.72 15.21 13.20
N GLU B 21 -0.02 14.16 12.85
CA GLU B 21 -1.26 14.35 12.13
C GLU B 21 -2.37 14.95 12.96
N ARG B 22 -2.42 14.61 14.25
CA ARG B 22 -3.46 15.15 15.11
C ARG B 22 -3.27 16.63 15.41
N LYS B 23 -2.03 17.09 15.44
CA LYS B 23 -1.76 18.50 15.72
C LYS B 23 -2.32 18.98 17.07
N ASN B 24 -2.21 18.14 18.09
CA ASN B 24 -2.68 18.49 19.42
C ASN B 24 -1.67 19.49 19.97
N PRO B 25 -2.10 20.72 20.32
CA PRO B 25 -1.24 21.77 20.85
C PRO B 25 -0.51 21.43 22.14
N ASP B 26 -1.14 20.62 22.97
CA ASP B 26 -0.56 20.27 24.25
C ASP B 26 0.40 19.10 24.24
N ILE B 27 0.71 18.57 23.07
CA ILE B 27 1.62 17.45 23.00
C ILE B 27 2.81 17.80 22.13
N GLU B 28 3.97 17.92 22.76
CA GLU B 28 5.21 18.24 22.05
C GLU B 28 6.19 17.09 22.19
N VAL B 29 6.60 16.48 21.08
CA VAL B 29 7.56 15.39 21.11
C VAL B 29 8.88 16.12 21.05
N VAL B 30 9.65 16.08 22.13
CA VAL B 30 10.91 16.80 22.19
C VAL B 30 12.15 15.94 21.96
N ALA B 31 12.03 14.61 22.10
CA ALA B 31 13.17 13.74 21.91
C ALA B 31 12.80 12.37 21.35
N ILE B 32 13.79 11.74 20.72
CA ILE B 32 13.62 10.42 20.15
C ILE B 32 14.91 9.68 20.43
N ASN B 33 14.80 8.46 20.94
CA ASN B 33 15.98 7.66 21.21
C ASN B 33 15.96 6.34 20.47
N ASP B 34 17.10 5.93 19.94
CA ASP B 34 17.16 4.65 19.25
C ASP B 34 18.59 4.17 19.35
N LEU B 35 19.01 3.35 18.41
CA LEU B 35 20.36 2.83 18.39
C LEU B 35 20.96 3.15 17.03
N THR B 36 20.63 4.29 16.45
CA THR B 36 21.18 4.57 15.14
C THR B 36 21.36 6.07 14.92
N ASP B 37 21.82 6.46 13.73
CA ASP B 37 22.04 7.86 13.45
C ASP B 37 20.84 8.62 12.90
N THR B 38 20.92 9.94 12.92
CA THR B 38 19.85 10.79 12.44
C THR B 38 19.53 10.59 10.97
N LYS B 39 20.54 10.27 10.17
CA LYS B 39 20.32 10.05 8.74
C LYS B 39 19.35 8.88 8.51
N THR B 40 19.64 7.77 9.16
CA THR B 40 18.82 6.56 9.10
C THR B 40 17.41 6.73 9.65
N LEU B 41 17.27 7.40 10.79
CA LEU B 41 15.94 7.62 11.33
C LEU B 41 15.15 8.57 10.45
N ALA B 42 15.83 9.52 9.83
CA ALA B 42 15.16 10.46 8.96
C ALA B 42 14.61 9.69 7.76
N HIS B 43 15.45 8.87 7.15
CA HIS B 43 15.05 8.07 6.00
C HIS B 43 13.88 7.12 6.32
N LEU B 44 13.98 6.39 7.44
CA LEU B 44 12.94 5.44 7.84
C LEU B 44 11.61 6.11 8.18
N LEU B 45 11.67 7.35 8.64
CA LEU B 45 10.46 8.08 8.96
C LEU B 45 9.82 8.52 7.65
N LYS B 46 10.65 9.00 6.73
CA LYS B 46 10.18 9.50 5.46
C LYS B 46 9.55 8.47 4.52
N TYR B 47 10.18 7.31 4.37
CA TYR B 47 9.67 6.27 3.48
C TYR B 47 9.21 5.07 4.29
N ASP B 48 8.04 4.55 3.99
CA ASP B 48 7.52 3.40 4.73
C ASP B 48 7.03 2.37 3.71
N SER B 49 7.44 1.11 3.85
CA SER B 49 7.04 0.06 2.92
C SER B 49 5.57 -0.30 2.93
N VAL B 50 4.89 -0.06 4.05
CA VAL B 50 3.49 -0.39 4.18
C VAL B 50 2.58 0.82 4.19
N HIS B 51 2.99 1.86 4.91
CA HIS B 51 2.18 3.07 5.09
C HIS B 51 2.45 4.29 4.25
N LYS B 52 3.27 4.17 3.21
CA LYS B 52 3.55 5.33 2.34
C LYS B 52 4.37 6.43 3.01
N LYS B 53 4.71 7.44 2.21
CA LYS B 53 5.51 8.60 2.60
C LYS B 53 4.94 9.48 3.69
N PHE B 54 5.82 9.91 4.58
CA PHE B 54 5.44 10.80 5.67
C PHE B 54 4.95 12.08 5.01
N PRO B 55 3.84 12.63 5.49
CA PRO B 55 3.27 13.85 4.93
C PRO B 55 4.15 15.10 5.04
N GLY B 56 4.89 15.21 6.13
CA GLY B 56 5.72 16.38 6.35
C GLY B 56 7.12 16.39 5.75
N LYS B 57 7.78 17.53 5.89
CA LYS B 57 9.13 17.73 5.40
C LYS B 57 10.04 17.26 6.51
N VAL B 58 10.96 16.36 6.15
CA VAL B 58 11.87 15.80 7.12
C VAL B 58 13.29 16.10 6.71
N GLU B 59 14.06 16.64 7.66
CA GLU B 59 15.48 16.96 7.47
C GLU B 59 16.18 16.44 8.72
N TYR B 60 17.51 16.52 8.72
CA TYR B 60 18.25 16.06 9.90
C TYR B 60 19.59 16.76 10.02
N THR B 61 20.02 16.93 11.24
CA THR B 61 21.33 17.52 11.50
C THR B 61 22.08 16.34 12.11
N GLU B 62 23.28 16.56 12.60
CA GLU B 62 24.04 15.47 13.17
C GLU B 62 23.45 14.96 14.49
N ASN B 63 22.69 15.83 15.17
CA ASN B 63 22.12 15.49 16.47
C ASN B 63 20.61 15.58 16.58
N SER B 64 19.91 15.83 15.48
CA SER B 64 18.47 15.94 15.58
C SER B 64 17.76 15.76 14.26
N LEU B 65 16.45 15.66 14.37
CA LEU B 65 15.57 15.53 13.23
C LEU B 65 14.86 16.89 13.17
N ILE B 66 14.52 17.32 11.96
CA ILE B 66 13.81 18.58 11.76
C ILE B 66 12.59 18.28 10.89
N VAL B 67 11.43 18.23 11.53
CA VAL B 67 10.18 17.92 10.85
C VAL B 67 9.37 19.21 10.75
N ASP B 68 9.18 19.69 9.53
CA ASP B 68 8.45 20.93 9.28
C ASP B 68 9.04 22.09 10.06
N GLY B 69 10.37 22.16 10.18
CA GLY B 69 10.97 23.26 10.91
C GLY B 69 11.12 23.10 12.41
N LYS B 70 10.54 22.06 13.01
CA LYS B 70 10.70 21.86 14.43
C LYS B 70 11.82 20.86 14.63
N GLU B 71 12.71 21.14 15.58
CA GLU B 71 13.85 20.29 15.88
C GLU B 71 13.53 19.30 17.00
N ILE B 72 13.93 18.04 16.82
CA ILE B 72 13.69 17.01 17.82
C ILE B 72 15.04 16.39 18.07
N LYS B 73 15.50 16.43 19.32
CA LYS B 73 16.79 15.86 19.65
C LYS B 73 16.74 14.36 19.48
N VAL B 74 17.81 13.80 18.93
CA VAL B 74 17.88 12.36 18.72
C VAL B 74 19.07 11.86 19.51
N PHE B 75 18.89 10.76 20.23
CA PHE B 75 19.95 10.12 21.00
C PHE B 75 20.03 8.65 20.56
N ALA B 76 21.16 8.01 20.87
CA ALA B 76 21.38 6.59 20.55
C ALA B 76 21.89 5.97 21.85
N GLU B 77 21.10 6.12 22.91
CA GLU B 77 21.45 5.64 24.24
C GLU B 77 20.67 4.38 24.59
N PRO B 78 21.33 3.20 24.51
CA PRO B 78 20.69 1.92 24.82
C PRO B 78 20.25 1.74 26.26
N ASP B 79 20.75 2.59 27.14
CA ASP B 79 20.45 2.58 28.56
C ASP B 79 19.57 3.78 28.87
N PRO B 80 18.27 3.54 29.17
CA PRO B 80 17.31 4.60 29.47
C PRO B 80 17.72 5.54 30.60
N SER B 81 18.42 4.99 31.59
CA SER B 81 18.86 5.77 32.74
C SER B 81 19.81 6.89 32.37
N LYS B 82 20.51 6.75 31.25
CA LYS B 82 21.43 7.78 30.80
C LYS B 82 20.73 8.89 30.04
N LEU B 83 19.45 8.70 29.74
CA LEU B 83 18.68 9.69 28.98
C LEU B 83 18.41 11.00 29.74
N PRO B 84 18.69 12.15 29.12
CA PRO B 84 18.49 13.47 29.71
C PRO B 84 17.05 13.90 29.84
N TRP B 85 16.21 13.04 30.40
CA TRP B 85 14.80 13.37 30.54
C TRP B 85 14.57 14.57 31.45
N LYS B 86 15.11 14.49 32.66
CA LYS B 86 14.99 15.56 33.65
C LYS B 86 15.38 16.91 33.05
N ASP B 87 16.53 16.93 32.41
CA ASP B 87 17.01 18.14 31.80
C ASP B 87 16.10 18.65 30.68
N LEU B 88 15.65 17.75 29.82
CA LEU B 88 14.78 18.11 28.72
C LEU B 88 13.37 18.51 29.17
N GLY B 89 13.02 18.21 30.42
CA GLY B 89 11.70 18.55 30.91
C GLY B 89 10.67 17.58 30.35
N VAL B 90 11.10 16.35 30.09
CA VAL B 90 10.23 15.34 29.52
C VAL B 90 9.21 14.84 30.53
N ASP B 91 7.93 14.87 30.13
CA ASP B 91 6.81 14.42 30.96
C ASP B 91 6.45 12.96 30.78
N PHE B 92 6.08 12.59 29.55
CA PHE B 92 5.68 11.22 29.23
C PHE B 92 6.60 10.56 28.22
N VAL B 93 6.94 9.31 28.49
CA VAL B 93 7.81 8.54 27.61
C VAL B 93 7.02 7.40 27.01
N ILE B 94 7.17 7.22 25.70
CA ILE B 94 6.53 6.10 25.02
C ILE B 94 7.63 5.06 24.89
N GLU B 95 7.48 3.98 25.63
CA GLU B 95 8.43 2.89 25.65
C GLU B 95 8.07 1.90 24.55
N SER B 96 8.70 2.06 23.38
CA SER B 96 8.44 1.19 22.22
C SER B 96 9.64 0.46 21.60
N THR B 97 10.61 0.09 22.44
CA THR B 97 11.76 -0.64 21.98
C THR B 97 11.44 -2.13 21.93
N GLY B 98 10.69 -2.60 22.92
CA GLY B 98 10.34 -4.01 22.98
C GLY B 98 11.14 -4.76 24.03
N VAL B 99 12.18 -4.13 24.57
CA VAL B 99 13.04 -4.77 25.57
C VAL B 99 12.90 -4.28 27.02
N PHE B 100 12.18 -3.17 27.24
CA PHE B 100 12.00 -2.62 28.59
C PHE B 100 10.55 -2.74 29.03
N ARG B 101 10.04 -3.97 29.07
CA ARG B 101 8.66 -4.24 29.44
C ARG B 101 8.41 -4.61 30.91
N ASN B 102 9.48 -4.80 31.66
CA ASN B 102 9.37 -5.14 33.08
C ASN B 102 9.37 -3.82 33.82
N ARG B 103 8.63 -3.75 34.93
CA ARG B 103 8.58 -2.51 35.70
C ARG B 103 9.97 -1.95 36.04
N GLU B 104 10.89 -2.82 36.48
CA GLU B 104 12.24 -2.40 36.83
C GLU B 104 12.92 -1.60 35.71
N LYS B 105 12.89 -2.13 34.50
CA LYS B 105 13.48 -1.47 33.33
C LYS B 105 12.77 -0.17 32.91
N ALA B 106 11.45 -0.21 32.82
CA ALA B 106 10.67 0.97 32.45
C ALA B 106 10.91 2.10 33.45
N GLU B 107 10.94 1.73 34.74
CA GLU B 107 11.17 2.66 35.83
C GLU B 107 12.41 3.54 35.62
N LEU B 108 13.35 3.05 34.81
CA LEU B 108 14.56 3.82 34.53
C LEU B 108 14.29 5.19 33.90
N HIS B 109 13.16 5.36 33.21
CA HIS B 109 12.80 6.63 32.58
C HIS B 109 12.42 7.67 33.60
N LEU B 110 11.75 7.18 34.65
CA LEU B 110 11.31 8.01 35.78
C LEU B 110 12.56 8.42 36.59
N GLN B 111 13.52 7.52 36.68
CA GLN B 111 14.76 7.79 37.37
C GLN B 111 15.54 8.80 36.55
N ALA B 112 15.49 8.68 35.24
CA ALA B 112 16.19 9.62 34.38
C ALA B 112 15.45 10.97 34.37
N GLY B 113 14.26 11.00 34.98
CA GLY B 113 13.53 12.26 35.04
C GLY B 113 12.13 12.43 34.47
N ALA B 114 11.60 11.42 33.78
CA ALA B 114 10.26 11.55 33.21
C ALA B 114 9.21 11.23 34.26
N LYS B 115 7.96 11.66 34.04
CA LYS B 115 6.86 11.42 34.99
C LYS B 115 6.13 10.11 34.80
N LYS B 116 5.62 9.89 33.59
CA LYS B 116 4.87 8.67 33.28
C LYS B 116 5.44 7.99 32.06
N VAL B 117 5.31 6.67 32.05
CA VAL B 117 5.80 5.84 30.96
C VAL B 117 4.68 4.96 30.39
N ILE B 118 4.58 4.91 29.06
CA ILE B 118 3.59 4.09 28.38
C ILE B 118 4.33 3.00 27.62
N ILE B 119 4.12 1.75 28.01
CA ILE B 119 4.77 0.62 27.36
C ILE B 119 3.84 0.14 26.26
N THR B 120 4.32 0.14 25.02
CA THR B 120 3.48 -0.28 23.89
C THR B 120 3.43 -1.80 23.69
N ALA B 121 3.16 -2.54 24.76
CA ALA B 121 3.11 -3.99 24.70
C ALA B 121 2.74 -4.48 26.09
N PRO B 122 2.43 -5.79 26.22
CA PRO B 122 2.08 -6.32 27.52
C PRO B 122 3.28 -6.05 28.42
N ALA B 123 3.02 -5.76 29.70
CA ALA B 123 4.07 -5.44 30.64
C ALA B 123 4.13 -6.41 31.81
N LYS B 124 5.15 -6.24 32.64
CA LYS B 124 5.38 -7.05 33.83
C LYS B 124 5.49 -6.11 35.02
N GLY B 125 4.53 -6.19 35.95
CA GLY B 125 4.57 -5.34 37.13
C GLY B 125 4.11 -3.90 36.92
N GLU B 126 3.37 -3.67 35.86
CA GLU B 126 2.86 -2.35 35.55
C GLU B 126 1.78 -1.91 36.56
N ASP B 127 1.48 -0.61 36.61
CA ASP B 127 0.45 -0.10 37.50
C ASP B 127 -0.89 -0.46 36.93
N ILE B 128 -1.01 -0.39 35.60
CA ILE B 128 -2.26 -0.70 34.95
C ILE B 128 -2.12 -0.96 33.45
N THR B 129 -2.90 -1.92 32.98
CA THR B 129 -2.96 -2.24 31.56
C THR B 129 -4.32 -1.68 31.14
N VAL B 130 -4.30 -0.70 30.25
CA VAL B 130 -5.52 -0.05 29.79
C VAL B 130 -5.81 -0.31 28.31
N VAL B 131 -6.97 -0.91 28.08
CA VAL B 131 -7.47 -1.21 26.75
C VAL B 131 -8.74 -0.36 26.61
N ILE B 132 -8.62 0.69 25.80
CA ILE B 132 -9.74 1.59 25.53
C ILE B 132 -10.92 0.81 24.92
N GLY B 133 -12.05 0.84 25.61
CA GLY B 133 -13.21 0.10 25.15
C GLY B 133 -13.48 -0.95 26.22
N CYS B 134 -12.52 -1.12 27.12
CA CYS B 134 -12.64 -2.08 28.23
C CYS B 134 -12.51 -1.46 29.62
N ASN B 135 -11.41 -0.75 29.88
CA ASN B 135 -11.23 -0.19 31.22
C ASN B 135 -10.48 1.13 31.33
N GLU B 136 -10.63 2.04 30.38
CA GLU B 136 -9.90 3.29 30.47
C GLU B 136 -10.37 4.20 31.61
N ASP B 137 -11.43 3.80 32.32
CA ASP B 137 -11.95 4.57 33.45
C ASP B 137 -11.35 4.12 34.80
N GLN B 138 -10.27 3.35 34.72
CA GLN B 138 -9.57 2.85 35.90
C GLN B 138 -8.24 3.58 36.02
N LEU B 139 -7.86 4.23 34.93
CA LEU B 139 -6.62 4.98 34.91
C LEU B 139 -6.78 6.13 35.91
N LYS B 140 -5.78 6.31 36.76
CA LYS B 140 -5.81 7.33 37.77
C LYS B 140 -4.46 8.02 37.71
N PRO B 141 -4.41 9.30 38.09
CA PRO B 141 -3.15 10.05 38.05
C PRO B 141 -1.96 9.42 38.78
N GLU B 142 -2.24 8.49 39.70
CA GLU B 142 -1.17 7.82 40.45
C GLU B 142 -0.49 6.70 39.68
N HIS B 143 -0.99 6.41 38.47
CA HIS B 143 -0.43 5.37 37.61
C HIS B 143 0.67 6.00 36.77
N THR B 144 1.89 5.53 36.97
CA THR B 144 3.06 6.03 36.28
C THR B 144 3.58 5.09 35.19
N ILE B 145 3.46 3.78 35.43
CA ILE B 145 3.91 2.77 34.48
C ILE B 145 2.64 2.15 33.87
N ILE B 146 2.31 2.57 32.66
CA ILE B 146 1.12 2.11 31.98
C ILE B 146 1.35 1.24 30.76
N SER B 147 0.54 0.21 30.59
CA SER B 147 0.67 -0.67 29.45
C SER B 147 -0.58 -0.59 28.57
N CYS B 148 -0.41 -0.62 27.26
CA CYS B 148 -1.55 -0.59 26.34
C CYS B 148 -1.87 -1.98 25.81
N ALA B 149 -1.26 -3.00 26.40
CA ALA B 149 -1.46 -4.40 25.98
C ALA B 149 -0.93 -4.66 24.56
N SER B 150 -1.39 -5.73 23.91
CA SER B 150 -0.91 -6.03 22.57
C SER B 150 -1.98 -5.65 21.57
N CYS B 151 -1.61 -5.72 20.29
CA CYS B 151 -2.55 -5.41 19.23
C CYS B 151 -3.74 -6.40 19.19
N THR B 152 -3.47 -7.68 19.38
CA THR B 152 -4.53 -8.67 19.36
C THR B 152 -5.52 -8.46 20.50
N THR B 153 -5.01 -8.09 21.66
CA THR B 153 -5.87 -7.82 22.80
C THR B 153 -6.82 -6.65 22.50
N ASN B 154 -6.32 -5.58 21.89
CA ASN B 154 -7.19 -4.46 21.54
C ASN B 154 -8.18 -4.80 20.46
N SER B 155 -7.82 -5.77 19.62
CA SER B 155 -8.70 -6.17 18.53
C SER B 155 -9.94 -6.92 19.03
N ILE B 156 -9.80 -7.64 20.13
CA ILE B 156 -10.88 -8.47 20.65
C ILE B 156 -11.39 -8.21 22.07
N ALA B 157 -10.61 -7.63 22.97
CA ALA B 157 -11.11 -7.42 24.34
C ALA B 157 -12.42 -6.65 24.41
N PRO B 158 -12.58 -5.58 23.60
CA PRO B 158 -13.85 -4.82 23.65
C PRO B 158 -15.06 -5.64 23.18
N ILE B 159 -14.81 -6.59 22.28
CA ILE B 159 -15.85 -7.44 21.73
C ILE B 159 -16.21 -8.50 22.74
N VAL B 160 -15.18 -9.08 23.37
CA VAL B 160 -15.35 -10.11 24.39
C VAL B 160 -16.25 -9.57 25.51
N LYS B 161 -16.00 -8.33 25.90
CA LYS B 161 -16.76 -7.64 26.94
C LYS B 161 -18.26 -7.56 26.62
N VAL B 162 -18.62 -7.09 25.43
CA VAL B 162 -20.03 -7.01 25.04
C VAL B 162 -20.68 -8.39 24.94
N LEU B 163 -19.97 -9.37 24.38
CA LEU B 163 -20.51 -10.72 24.27
C LEU B 163 -20.78 -11.28 25.66
N HIS B 164 -19.84 -11.08 26.60
CA HIS B 164 -20.03 -11.56 27.97
C HIS B 164 -21.24 -10.89 28.62
N GLU B 165 -21.31 -9.57 28.52
CA GLU B 165 -22.41 -8.83 29.09
C GLU B 165 -23.77 -9.15 28.48
N LYS B 166 -23.79 -9.59 27.23
CA LYS B 166 -25.06 -9.90 26.62
C LYS B 166 -25.48 -11.36 26.66
N PHE B 167 -24.53 -12.28 26.49
CA PHE B 167 -24.85 -13.70 26.46
C PHE B 167 -24.16 -14.55 27.54
N GLY B 168 -23.15 -13.98 28.19
CA GLY B 168 -22.42 -14.72 29.21
C GLY B 168 -21.42 -15.68 28.59
N ILE B 169 -20.14 -15.48 28.85
CA ILE B 169 -19.13 -16.35 28.27
C ILE B 169 -18.78 -17.47 29.22
N VAL B 170 -18.90 -18.69 28.74
CA VAL B 170 -18.58 -19.85 29.51
C VAL B 170 -17.11 -20.22 29.28
N SER B 171 -16.81 -20.63 28.04
CA SER B 171 -15.46 -21.04 27.64
C SER B 171 -15.19 -20.36 26.31
N GLY B 172 -13.92 -20.21 25.93
CA GLY B 172 -13.60 -19.58 24.68
C GLY B 172 -12.16 -19.68 24.23
N MET B 173 -11.96 -19.64 22.90
CA MET B 173 -10.64 -19.72 22.32
C MET B 173 -10.49 -18.83 21.10
N LEU B 174 -9.37 -18.12 21.02
CA LEU B 174 -9.15 -17.27 19.87
C LEU B 174 -7.88 -17.66 19.19
N THR B 175 -7.88 -17.47 17.88
CA THR B 175 -6.73 -17.74 17.04
C THR B 175 -6.60 -16.48 16.21
N THR B 176 -5.41 -15.89 16.20
CA THR B 176 -5.19 -14.70 15.40
C THR B 176 -4.29 -15.03 14.19
N VAL B 177 -4.80 -14.78 12.98
CA VAL B 177 -4.03 -15.00 11.75
C VAL B 177 -3.43 -13.60 11.55
N HIS B 178 -2.17 -13.53 11.94
CA HIS B 178 -1.38 -12.33 12.08
C HIS B 178 -0.21 -12.13 11.10
N SER B 179 -0.03 -10.91 10.62
CA SER B 179 1.07 -10.59 9.71
C SER B 179 2.40 -10.75 10.47
N TYR B 180 3.52 -10.87 9.75
CA TYR B 180 4.79 -11.03 10.46
C TYR B 180 5.27 -9.69 11.02
N THR B 181 6.16 -9.73 12.00
CA THR B 181 6.69 -8.52 12.61
C THR B 181 8.21 -8.64 12.71
N ASN B 182 8.86 -7.55 13.14
CA ASN B 182 10.30 -7.52 13.25
C ASN B 182 10.84 -8.44 14.33
N ASP B 183 9.97 -9.23 14.96
CA ASP B 183 10.42 -10.19 15.96
C ASP B 183 10.73 -11.52 15.29
N GLN B 184 10.35 -11.64 14.02
CA GLN B 184 10.57 -12.87 13.30
C GLN B 184 11.93 -12.87 12.56
N ARG B 185 12.12 -13.80 11.64
CA ARG B 185 13.38 -13.91 10.91
C ARG B 185 13.18 -13.98 9.40
N VAL B 186 14.08 -13.34 8.65
CA VAL B 186 14.03 -13.34 7.20
C VAL B 186 14.14 -14.79 6.72
N LEU B 187 15.19 -15.48 7.17
CA LEU B 187 15.44 -16.89 6.87
C LEU B 187 15.77 -17.56 8.22
N ASP B 188 15.63 -18.88 8.30
CA ASP B 188 15.86 -19.62 9.54
C ASP B 188 17.09 -19.14 10.32
N LEU B 189 16.84 -18.56 11.48
CA LEU B 189 17.90 -18.04 12.35
C LEU B 189 17.50 -18.31 13.79
N PRO B 190 18.48 -18.43 14.70
CA PRO B 190 18.20 -18.68 16.12
C PRO B 190 17.19 -17.69 16.70
N HIS B 191 16.35 -18.16 17.62
CA HIS B 191 15.33 -17.35 18.27
C HIS B 191 14.86 -18.22 19.42
N LYS B 192 14.44 -17.60 20.52
CA LYS B 192 13.95 -18.32 21.69
C LYS B 192 12.79 -19.25 21.33
N ASP B 193 11.95 -18.83 20.39
CA ASP B 193 10.78 -19.59 19.93
C ASP B 193 11.25 -20.26 18.63
N LEU B 194 11.28 -21.58 18.60
CA LEU B 194 11.75 -22.33 17.43
C LEU B 194 10.90 -22.21 16.19
N ARG B 195 9.66 -21.76 16.32
CA ARG B 195 8.78 -21.56 15.16
C ARG B 195 9.02 -20.16 14.58
N ARG B 196 9.18 -19.16 15.45
CA ARG B 196 9.46 -17.78 15.01
C ARG B 196 10.88 -17.64 14.43
N ALA B 197 11.66 -18.70 14.55
CA ALA B 197 13.03 -18.77 14.06
C ALA B 197 13.02 -19.03 12.56
N ARG B 198 11.89 -19.52 12.07
CA ARG B 198 11.75 -19.88 10.66
C ARG B 198 11.44 -18.72 9.71
N ALA B 199 11.79 -18.88 8.44
CA ALA B 199 11.58 -17.86 7.41
C ALA B 199 10.15 -17.33 7.45
N ALA B 200 10.02 -16.03 7.76
CA ALA B 200 8.75 -15.32 7.90
C ALA B 200 7.79 -15.27 6.71
N ALA B 201 8.33 -15.02 5.50
CA ALA B 201 7.48 -14.90 4.31
C ALA B 201 7.33 -16.19 3.52
N VAL B 202 7.83 -17.27 4.09
CA VAL B 202 7.80 -18.59 3.45
C VAL B 202 6.96 -19.58 4.23
N ASN B 203 6.58 -19.25 5.46
CA ASN B 203 5.86 -20.20 6.31
C ASN B 203 4.58 -19.73 7.01
N ILE B 204 3.76 -20.71 7.36
CA ILE B 204 2.55 -20.56 8.15
C ILE B 204 3.17 -20.96 9.50
N ILE B 205 3.24 -20.02 10.43
CA ILE B 205 3.91 -20.24 11.71
C ILE B 205 3.09 -20.11 13.00
N PRO B 206 2.73 -21.25 13.63
CA PRO B 206 1.95 -21.15 14.87
C PRO B 206 2.92 -20.60 15.93
N THR B 207 2.41 -19.77 16.84
CA THR B 207 3.25 -19.21 17.87
C THR B 207 2.30 -18.66 18.93
N THR B 208 2.80 -17.81 19.80
CA THR B 208 2.00 -17.28 20.86
C THR B 208 1.42 -15.89 20.59
N THR B 209 0.46 -15.51 21.43
CA THR B 209 -0.17 -14.21 21.33
C THR B 209 -0.34 -13.59 22.72
N GLY B 210 -0.06 -12.30 22.80
CA GLY B 210 -0.20 -11.60 24.06
C GLY B 210 -1.64 -11.60 24.53
N ALA B 211 -2.59 -11.67 23.59
CA ALA B 211 -4.03 -11.64 23.92
C ALA B 211 -4.51 -12.74 24.82
N ALA B 212 -3.83 -13.88 24.76
CA ALA B 212 -4.18 -15.05 25.56
C ALA B 212 -4.53 -14.71 27.01
N LYS B 213 -3.61 -14.06 27.71
CA LYS B 213 -3.86 -13.71 29.10
C LYS B 213 -4.21 -12.23 29.33
N ALA B 214 -3.86 -11.36 28.39
CA ALA B 214 -4.15 -9.94 28.53
C ALA B 214 -5.64 -9.58 28.55
N VAL B 215 -6.47 -10.34 27.84
CA VAL B 215 -7.90 -10.02 27.83
C VAL B 215 -8.53 -10.11 29.24
N ALA B 216 -8.18 -11.14 30.00
CA ALA B 216 -8.71 -11.34 31.35
C ALA B 216 -8.34 -10.18 32.26
N LEU B 217 -7.27 -9.46 31.91
CA LEU B 217 -6.81 -8.32 32.69
C LEU B 217 -7.76 -7.13 32.57
N VAL B 218 -8.29 -6.92 31.37
CA VAL B 218 -9.19 -5.80 31.10
C VAL B 218 -10.66 -6.16 31.24
N VAL B 219 -10.96 -7.44 31.15
CA VAL B 219 -12.31 -7.97 31.31
C VAL B 219 -12.14 -9.13 32.30
N PRO B 220 -11.96 -8.77 33.60
CA PRO B 220 -11.77 -9.69 34.72
C PRO B 220 -12.79 -10.82 34.76
N GLU B 221 -14.03 -10.48 34.44
CA GLU B 221 -15.10 -11.46 34.45
C GLU B 221 -14.79 -12.68 33.60
N VAL B 222 -13.83 -12.56 32.70
CA VAL B 222 -13.53 -13.67 31.80
C VAL B 222 -12.24 -14.42 32.14
N LYS B 223 -11.66 -14.09 33.28
CA LYS B 223 -10.43 -14.72 33.72
C LYS B 223 -10.55 -16.24 33.82
N GLY B 224 -9.59 -16.93 33.22
CA GLY B 224 -9.58 -18.38 33.24
C GLY B 224 -10.50 -19.06 32.25
N LYS B 225 -11.22 -18.27 31.46
CA LYS B 225 -12.15 -18.85 30.51
C LYS B 225 -11.67 -18.88 29.06
N LEU B 226 -10.81 -17.94 28.71
CA LEU B 226 -10.29 -17.84 27.34
C LEU B 226 -8.84 -18.24 27.23
N ASP B 227 -8.47 -18.70 26.05
CA ASP B 227 -7.08 -19.01 25.75
C ASP B 227 -6.92 -18.75 24.27
N GLY B 228 -5.69 -18.74 23.77
CA GLY B 228 -5.52 -18.49 22.36
C GLY B 228 -4.12 -18.67 21.82
N MET B 229 -3.98 -18.50 20.51
CA MET B 229 -2.71 -18.65 19.86
C MET B 229 -2.62 -17.79 18.61
N ALA B 230 -1.45 -17.73 18.01
CA ALA B 230 -1.31 -16.96 16.80
C ALA B 230 -0.75 -17.86 15.71
N ILE B 231 -1.04 -17.50 14.48
CA ILE B 231 -0.52 -18.19 13.32
C ILE B 231 -0.03 -17.05 12.46
N ARG B 232 1.28 -16.82 12.47
CA ARG B 232 1.91 -15.75 11.70
C ARG B 232 1.96 -16.22 10.25
N VAL B 233 1.54 -15.37 9.32
CA VAL B 233 1.52 -15.70 7.89
C VAL B 233 2.31 -14.67 7.06
N PRO B 234 2.65 -15.00 5.80
CA PRO B 234 3.41 -14.09 4.96
C PRO B 234 2.85 -12.77 4.43
N THR B 235 2.26 -11.96 5.31
CA THR B 235 1.74 -10.62 4.95
C THR B 235 2.47 -9.63 5.88
N PRO B 236 2.90 -8.48 5.34
CA PRO B 236 3.63 -7.46 6.12
C PRO B 236 2.83 -6.63 7.16
N ASP B 237 1.50 -6.61 7.05
CA ASP B 237 0.68 -5.88 8.00
C ASP B 237 -0.76 -6.25 7.76
N GLY B 238 -1.55 -6.29 8.82
CA GLY B 238 -2.95 -6.66 8.69
C GLY B 238 -3.17 -8.02 9.33
N SER B 239 -4.16 -8.13 10.21
CA SER B 239 -4.45 -9.39 10.90
C SER B 239 -5.97 -9.58 11.10
N ILE B 240 -6.35 -10.76 11.60
CA ILE B 240 -7.75 -11.08 11.88
C ILE B 240 -7.83 -12.05 13.07
N THR B 241 -8.62 -11.70 14.07
CA THR B 241 -8.81 -12.53 15.24
C THR B 241 -10.09 -13.33 15.07
N ASP B 242 -9.94 -14.64 15.11
CA ASP B 242 -11.03 -15.60 14.95
C ASP B 242 -11.40 -16.12 16.36
N LEU B 243 -12.49 -15.63 16.95
CA LEU B 243 -12.88 -16.07 18.29
C LEU B 243 -14.09 -17.00 18.29
N THR B 244 -13.97 -18.09 19.04
CA THR B 244 -15.01 -19.09 19.19
C THR B 244 -15.30 -19.18 20.67
N VAL B 245 -16.51 -18.79 21.06
CA VAL B 245 -16.89 -18.83 22.45
C VAL B 245 -18.15 -19.64 22.66
N LEU B 246 -18.22 -20.27 23.82
CA LEU B 246 -19.37 -21.05 24.24
C LEU B 246 -20.10 -20.05 25.12
N VAL B 247 -21.32 -19.72 24.75
CA VAL B 247 -22.06 -18.73 25.49
C VAL B 247 -23.18 -19.38 26.31
N GLU B 248 -23.64 -18.67 27.34
CA GLU B 248 -24.69 -19.18 28.22
C GLU B 248 -26.08 -19.12 27.62
N LYS B 249 -26.49 -17.93 27.18
CA LYS B 249 -27.80 -17.74 26.60
C LYS B 249 -27.81 -18.03 25.11
N GLU B 250 -28.91 -18.61 24.65
CA GLU B 250 -29.09 -18.95 23.24
C GLU B 250 -29.14 -17.70 22.37
N THR B 251 -28.56 -17.78 21.18
CA THR B 251 -28.56 -16.68 20.22
C THR B 251 -28.61 -17.11 18.77
N THR B 252 -28.45 -16.10 17.91
CA THR B 252 -28.45 -16.26 16.46
C THR B 252 -27.44 -15.30 15.85
N VAL B 253 -27.05 -15.57 14.60
CA VAL B 253 -26.12 -14.70 13.90
C VAL B 253 -26.74 -13.32 13.86
N GLU B 254 -28.04 -13.29 13.58
CA GLU B 254 -28.80 -12.06 13.49
C GLU B 254 -28.68 -11.22 14.75
N GLU B 255 -28.89 -11.85 15.90
CA GLU B 255 -28.81 -11.15 17.16
C GLU B 255 -27.38 -10.72 17.51
N VAL B 256 -26.42 -11.63 17.38
CA VAL B 256 -25.02 -11.33 17.67
C VAL B 256 -24.58 -10.13 16.82
N ASN B 257 -24.93 -10.13 15.54
CA ASN B 257 -24.53 -9.02 14.69
C ASN B 257 -25.20 -7.71 15.07
N ALA B 258 -26.47 -7.79 15.47
CA ALA B 258 -27.25 -6.60 15.88
C ALA B 258 -26.71 -5.93 17.14
N VAL B 259 -26.39 -6.73 18.16
CA VAL B 259 -25.83 -6.17 19.39
C VAL B 259 -24.49 -5.50 19.08
N MET B 260 -23.69 -6.12 18.22
CA MET B 260 -22.40 -5.54 17.86
C MET B 260 -22.57 -4.23 17.10
N LYS B 261 -23.50 -4.21 16.15
CA LYS B 261 -23.73 -3.00 15.40
C LYS B 261 -24.09 -1.89 16.36
N GLU B 262 -24.96 -2.20 17.32
CA GLU B 262 -25.38 -1.20 18.32
C GLU B 262 -24.18 -0.63 19.04
N ALA B 263 -23.32 -1.52 19.50
CA ALA B 263 -22.11 -1.15 20.23
C ALA B 263 -21.17 -0.24 19.45
N THR B 264 -20.94 -0.57 18.17
CA THR B 264 -20.04 0.23 17.36
C THR B 264 -20.59 1.63 17.13
N GLU B 265 -21.91 1.76 17.23
CA GLU B 265 -22.55 3.06 17.06
C GLU B 265 -22.55 3.79 18.38
N GLY B 266 -22.44 3.05 19.48
CA GLY B 266 -22.44 3.66 20.79
C GLY B 266 -21.13 3.71 21.54
N ARG B 267 -21.09 2.97 22.66
CA ARG B 267 -19.91 2.93 23.53
C ARG B 267 -18.61 2.61 22.78
N LEU B 268 -18.70 1.73 21.79
CA LEU B 268 -17.52 1.33 21.06
C LEU B 268 -17.25 2.15 19.82
N LYS B 269 -18.01 3.22 19.65
CA LYS B 269 -17.83 4.06 18.48
C LYS B 269 -16.38 4.47 18.35
N GLY B 270 -15.87 4.40 17.13
CA GLY B 270 -14.48 4.77 16.85
C GLY B 270 -13.42 3.83 17.43
N ILE B 271 -13.86 2.78 18.09
CA ILE B 271 -12.93 1.83 18.67
C ILE B 271 -13.06 0.52 17.92
N ILE B 272 -14.28 0.03 17.83
CA ILE B 272 -14.57 -1.19 17.09
C ILE B 272 -15.46 -0.78 15.93
N GLY B 273 -15.03 -1.09 14.71
CA GLY B 273 -15.81 -0.76 13.54
C GLY B 273 -16.73 -1.93 13.22
N TYR B 274 -17.62 -1.73 12.26
CA TYR B 274 -18.58 -2.74 11.86
C TYR B 274 -18.51 -2.89 10.35
N ASN B 275 -18.38 -4.12 9.88
CA ASN B 275 -18.30 -4.37 8.45
C ASN B 275 -19.22 -5.50 8.02
N ASP B 276 -19.78 -5.38 6.82
CA ASP B 276 -20.65 -6.41 6.26
C ASP B 276 -20.34 -6.56 4.78
N GLU B 277 -19.12 -6.24 4.40
CA GLU B 277 -18.72 -6.38 3.02
C GLU B 277 -17.60 -7.43 2.90
N PRO B 278 -17.45 -8.03 1.71
CA PRO B 278 -16.41 -9.04 1.53
C PRO B 278 -15.02 -8.41 1.32
N ILE B 279 -14.46 -7.89 2.40
CA ILE B 279 -13.15 -7.26 2.39
C ILE B 279 -12.04 -8.27 2.71
N VAL B 280 -10.80 -7.90 2.39
CA VAL B 280 -9.66 -8.75 2.68
C VAL B 280 -8.66 -7.90 3.46
N SER B 281 -7.52 -8.46 3.88
CA SER B 281 -6.57 -7.70 4.70
C SER B 281 -6.05 -6.39 4.15
N SER B 282 -5.75 -6.33 2.85
CA SER B 282 -5.24 -5.11 2.25
C SER B 282 -6.23 -3.94 2.36
N ASP B 283 -7.51 -4.25 2.56
CA ASP B 283 -8.54 -3.21 2.67
C ASP B 283 -8.60 -2.52 4.04
N ILE B 284 -8.05 -3.16 5.07
CA ILE B 284 -8.08 -2.59 6.42
C ILE B 284 -6.80 -1.90 6.83
N ILE B 285 -5.81 -1.91 5.95
CA ILE B 285 -4.55 -1.26 6.25
C ILE B 285 -4.74 0.23 6.25
N GLY B 286 -4.38 0.87 7.37
CA GLY B 286 -4.51 2.30 7.48
C GLY B 286 -5.70 2.70 8.34
N THR B 287 -6.50 1.75 8.80
CA THR B 287 -7.63 2.08 9.66
C THR B 287 -7.13 2.41 11.08
N THR B 288 -7.91 3.21 11.80
CA THR B 288 -7.57 3.65 13.17
C THR B 288 -8.28 2.84 14.26
N PHE B 289 -9.22 2.00 13.87
CA PHE B 289 -9.93 1.18 14.84
C PHE B 289 -9.01 0.16 15.48
N SER B 290 -9.33 -0.26 16.69
CA SER B 290 -8.55 -1.28 17.39
C SER B 290 -8.94 -2.60 16.73
N GLY B 291 -10.16 -2.61 16.19
CA GLY B 291 -10.69 -3.79 15.52
C GLY B 291 -11.89 -3.45 14.66
N ILE B 292 -12.13 -4.27 13.65
CA ILE B 292 -13.28 -4.07 12.77
C ILE B 292 -14.05 -5.40 12.80
N PHE B 293 -15.22 -5.38 13.42
CA PHE B 293 -16.05 -6.56 13.55
C PHE B 293 -16.62 -6.94 12.17
N ASP B 294 -16.26 -8.12 11.69
CA ASP B 294 -16.71 -8.60 10.39
C ASP B 294 -18.00 -9.40 10.53
N ALA B 295 -19.12 -8.78 10.17
CA ALA B 295 -20.43 -9.40 10.27
C ALA B 295 -20.66 -10.55 9.30
N THR B 296 -19.88 -10.61 8.22
CA THR B 296 -20.03 -11.68 7.23
C THR B 296 -19.47 -13.02 7.72
N ILE B 297 -18.76 -12.99 8.84
CA ILE B 297 -18.14 -14.19 9.38
C ILE B 297 -18.85 -14.78 10.60
N THR B 298 -19.71 -14.00 11.25
CA THR B 298 -20.44 -14.46 12.42
C THR B 298 -21.20 -15.74 12.14
N ASN B 299 -21.11 -16.70 13.06
CA ASN B 299 -21.77 -17.99 12.93
C ASN B 299 -22.10 -18.56 14.31
N VAL B 300 -23.23 -19.26 14.41
CA VAL B 300 -23.65 -19.88 15.66
C VAL B 300 -24.05 -21.32 15.35
N ILE B 301 -23.58 -22.26 16.16
CA ILE B 301 -23.89 -23.67 16.00
C ILE B 301 -24.60 -24.12 17.29
N GLY B 302 -25.82 -24.66 17.16
CA GLY B 302 -26.56 -25.11 18.32
C GLY B 302 -26.91 -23.98 19.28
N GLY B 303 -27.25 -22.82 18.74
CA GLY B 303 -27.62 -21.68 19.56
C GLY B 303 -26.61 -21.19 20.58
N LYS B 304 -25.53 -21.94 20.82
CA LYS B 304 -24.54 -21.53 21.82
C LYS B 304 -23.07 -21.44 21.45
N LEU B 305 -22.62 -22.13 20.41
CA LEU B 305 -21.22 -22.03 20.02
C LEU B 305 -21.17 -20.94 18.95
N VAL B 306 -20.49 -19.84 19.27
CA VAL B 306 -20.42 -18.73 18.35
C VAL B 306 -19.00 -18.31 17.93
N LYS B 307 -18.89 -17.97 16.65
CA LYS B 307 -17.65 -17.52 16.05
C LYS B 307 -17.89 -16.09 15.67
N VAL B 308 -16.91 -15.27 16.00
CA VAL B 308 -16.97 -13.86 15.72
C VAL B 308 -15.56 -13.60 15.21
N ALA B 309 -15.35 -12.59 14.36
CA ALA B 309 -14.01 -12.33 13.83
C ALA B 309 -13.73 -10.84 13.79
N SER B 310 -12.53 -10.43 14.16
CA SER B 310 -12.19 -9.02 14.17
C SER B 310 -10.92 -8.71 13.35
N TRP B 311 -11.03 -7.79 12.40
CA TRP B 311 -9.89 -7.39 11.57
C TRP B 311 -9.14 -6.25 12.26
N TYR B 312 -7.86 -6.08 11.93
CA TYR B 312 -7.12 -4.97 12.50
C TYR B 312 -5.79 -4.71 11.84
N ASP B 313 -5.44 -3.45 11.76
CA ASP B 313 -4.15 -3.06 11.23
C ASP B 313 -3.28 -3.12 12.51
N ASN B 314 -2.53 -4.21 12.69
CA ASN B 314 -1.73 -4.38 13.90
C ASN B 314 -0.75 -3.26 14.22
N GLU B 315 -0.35 -2.50 13.22
CA GLU B 315 0.59 -1.40 13.47
C GLU B 315 -0.14 -0.11 13.70
N TYR B 316 -0.99 0.25 12.74
CA TYR B 316 -1.72 1.51 12.78
C TYR B 316 -2.86 1.63 13.81
N GLY B 317 -3.73 0.62 13.87
CA GLY B 317 -4.84 0.64 14.79
C GLY B 317 -4.32 0.77 16.20
N TYR B 318 -3.31 -0.03 16.52
CA TYR B 318 -2.69 0.00 17.84
C TYR B 318 -2.00 1.33 18.19
N SER B 319 -1.23 1.90 17.27
CA SER B 319 -0.56 3.17 17.55
C SER B 319 -1.57 4.28 17.85
N ASN B 320 -2.72 4.21 17.19
CA ASN B 320 -3.79 5.17 17.42
C ASN B 320 -4.20 5.08 18.89
N ARG B 321 -4.37 3.86 19.39
CA ARG B 321 -4.74 3.63 20.78
C ARG B 321 -3.67 4.13 21.74
N VAL B 322 -2.41 3.99 21.35
CA VAL B 322 -1.31 4.48 22.18
C VAL B 322 -1.42 6.00 22.29
N VAL B 323 -1.78 6.67 21.20
CA VAL B 323 -1.89 8.12 21.25
C VAL B 323 -3.11 8.56 22.04
N ASP B 324 -4.20 7.79 21.97
CA ASP B 324 -5.42 8.08 22.72
C ASP B 324 -5.10 8.04 24.21
N THR B 325 -4.41 6.98 24.64
CA THR B 325 -3.99 6.81 26.02
C THR B 325 -3.14 8.02 26.43
N LEU B 326 -2.24 8.46 25.55
CA LEU B 326 -1.41 9.61 25.82
C LEU B 326 -2.30 10.82 26.07
N GLU B 327 -3.35 10.97 25.30
CA GLU B 327 -4.27 12.09 25.48
C GLU B 327 -5.04 11.96 26.81
N LEU B 328 -5.36 10.72 27.20
CA LEU B 328 -6.04 10.46 28.47
C LEU B 328 -5.20 11.08 29.57
N LEU B 329 -3.89 10.87 29.49
CA LEU B 329 -2.96 11.41 30.47
C LEU B 329 -2.93 12.94 30.53
N LEU B 330 -3.36 13.60 29.47
CA LEU B 330 -3.38 15.06 29.49
C LEU B 330 -4.52 15.58 30.41
N LYS B 331 -5.43 14.68 30.81
CA LYS B 331 -6.57 15.06 31.65
C LYS B 331 -6.43 14.83 33.16
N MET B 332 -5.20 14.91 33.67
CA MET B 332 -4.95 14.72 35.09
C MET B 332 -3.73 15.50 35.55
#